data_1MYQ
# 
_entry.id   1MYQ 
# 
_audit_conform.dict_name       mmcif_pdbx.dic 
_audit_conform.dict_version    5.392 
_audit_conform.dict_location   http://mmcif.pdb.org/dictionaries/ascii/mmcif_pdbx.dic 
# 
loop_
_database_2.database_id 
_database_2.database_code 
_database_2.pdbx_database_accession 
_database_2.pdbx_DOI 
PDB   1MYQ         pdb_00001myq 10.2210/pdb1myq/pdb 
RCSB  RCSB017307   ?            ?                   
WWPDB D_1000017307 ?            ?                   
# 
loop_
_pdbx_audit_revision_history.ordinal 
_pdbx_audit_revision_history.data_content_type 
_pdbx_audit_revision_history.major_revision 
_pdbx_audit_revision_history.minor_revision 
_pdbx_audit_revision_history.revision_date 
1 'Structure model' 1 0 2002-10-23 
2 'Structure model' 1 1 2008-04-28 
3 'Structure model' 1 2 2011-07-13 
4 'Structure model' 1 3 2022-02-23 
5 'Structure model' 1 4 2024-05-22 
# 
_pdbx_audit_revision_details.ordinal             1 
_pdbx_audit_revision_details.revision_ordinal    1 
_pdbx_audit_revision_details.data_content_type   'Structure model' 
_pdbx_audit_revision_details.provider            repository 
_pdbx_audit_revision_details.type                'Initial release' 
_pdbx_audit_revision_details.description         ? 
_pdbx_audit_revision_details.details             ? 
# 
loop_
_pdbx_audit_revision_group.ordinal 
_pdbx_audit_revision_group.revision_ordinal 
_pdbx_audit_revision_group.data_content_type 
_pdbx_audit_revision_group.group 
1 2 'Structure model' 'Version format compliance' 
2 3 'Structure model' 'Version format compliance' 
3 4 'Structure model' 'Database references'       
4 4 'Structure model' 'Derived calculations'      
5 5 'Structure model' 'Data collection'           
# 
loop_
_pdbx_audit_revision_category.ordinal 
_pdbx_audit_revision_category.revision_ordinal 
_pdbx_audit_revision_category.data_content_type 
_pdbx_audit_revision_category.category 
1 4 'Structure model' database_2            
2 4 'Structure model' pdbx_struct_assembly  
3 4 'Structure model' pdbx_struct_oper_list 
4 5 'Structure model' chem_comp_atom        
5 5 'Structure model' chem_comp_bond        
# 
loop_
_pdbx_audit_revision_item.ordinal 
_pdbx_audit_revision_item.revision_ordinal 
_pdbx_audit_revision_item.data_content_type 
_pdbx_audit_revision_item.item 
1 4 'Structure model' '_database_2.pdbx_DOI'                
2 4 'Structure model' '_database_2.pdbx_database_accession' 
# 
_pdbx_database_status.status_code                     REL 
_pdbx_database_status.entry_id                        1MYQ 
_pdbx_database_status.recvd_initial_deposition_date   2002-10-04 
_pdbx_database_status.deposit_site                    RCSB 
_pdbx_database_status.process_site                    RCSB 
_pdbx_database_status.SG_entry                        . 
_pdbx_database_status.pdb_format_compatible           Y 
_pdbx_database_status.status_code_mr                  ? 
_pdbx_database_status.status_code_sf                  ? 
_pdbx_database_status.status_code_cs                  ? 
_pdbx_database_status.status_code_nmr_data            ? 
_pdbx_database_status.methods_development_category    ? 
# 
loop_
_audit_author.name 
_audit_author.pdbx_ordinal 
'Matsugami, A.' 1 
'Ouhashi, K.'   2 
'Kanagawa, M.'  3 
'Liu, H.'       4 
'Kanagawa, S.'  5 
'Uesugi, S.'    6 
'Katahira, M.'  7 
# 
_citation.id                        primary 
_citation.title                     
;An intramolecular quadruplex of (GGA)(4) triplet repeat DNA with a G:G:G:G tetrad and a G(:A):G(:A):G(:A):G heptad, and its dimeric interaction.
;
_citation.journal_abbrev            J.Mol.Biol. 
_citation.journal_volume            313 
_citation.page_first                255 
_citation.page_last                 269 
_citation.year                      2001 
_citation.journal_id_ASTM           JMOBAK 
_citation.country                   UK 
_citation.journal_id_ISSN           0022-2836 
_citation.journal_id_CSD            0070 
_citation.book_publisher            ? 
_citation.pdbx_database_id_PubMed   11800555 
_citation.pdbx_database_id_DOI      10.1006/jmbi.2001.5047 
# 
loop_
_citation_author.citation_id 
_citation_author.name 
_citation_author.ordinal 
_citation_author.identifier_ORCID 
primary 'Matsugami, A.' 1 ? 
primary 'Ouhashi, K.'   2 ? 
primary 'Kanagawa, M.'  3 ? 
primary 'Liu, H.'       4 ? 
primary 'Kanagawa, S.'  5 ? 
primary 'Uesugi, S.'    6 ? 
primary 'Katahira, M.'  7 ? 
# 
_entity.id                         1 
_entity.type                       polymer 
_entity.src_method                 syn 
_entity.pdbx_description           "5'-D(*GP*GP*AP*GP*GP*AP*GP*GP*AP*GP*GP*A)-3'" 
_entity.formula_weight             3841.516 
_entity.pdbx_number_of_molecules   2 
_entity.pdbx_ec                    ? 
_entity.pdbx_mutation              ? 
_entity.pdbx_fragment              ? 
_entity.details                    'K+ Cation Stabilized' 
# 
_entity_poly.entity_id                      1 
_entity_poly.type                           polydeoxyribonucleotide 
_entity_poly.nstd_linkage                   no 
_entity_poly.nstd_monomer                   no 
_entity_poly.pdbx_seq_one_letter_code       '(DG)(DG)(DA)(DG)(DG)(DA)(DG)(DG)(DA)(DG)(DG)(DA)' 
_entity_poly.pdbx_seq_one_letter_code_can   GGAGGAGGAGGA 
_entity_poly.pdbx_strand_id                 A,B 
_entity_poly.pdbx_target_identifier         ? 
# 
loop_
_entity_poly_seq.entity_id 
_entity_poly_seq.num 
_entity_poly_seq.mon_id 
_entity_poly_seq.hetero 
1 1  DG n 
1 2  DG n 
1 3  DA n 
1 4  DG n 
1 5  DG n 
1 6  DA n 
1 7  DG n 
1 8  DG n 
1 9  DA n 
1 10 DG n 
1 11 DG n 
1 12 DA n 
# 
loop_
_chem_comp.id 
_chem_comp.type 
_chem_comp.mon_nstd_flag 
_chem_comp.name 
_chem_comp.pdbx_synonyms 
_chem_comp.formula 
_chem_comp.formula_weight 
DA 'DNA linking' y "2'-DEOXYADENOSINE-5'-MONOPHOSPHATE" ? 'C10 H14 N5 O6 P' 331.222 
DG 'DNA linking' y "2'-DEOXYGUANOSINE-5'-MONOPHOSPHATE" ? 'C10 H14 N5 O7 P' 347.221 
# 
loop_
_pdbx_poly_seq_scheme.asym_id 
_pdbx_poly_seq_scheme.entity_id 
_pdbx_poly_seq_scheme.seq_id 
_pdbx_poly_seq_scheme.mon_id 
_pdbx_poly_seq_scheme.ndb_seq_num 
_pdbx_poly_seq_scheme.pdb_seq_num 
_pdbx_poly_seq_scheme.auth_seq_num 
_pdbx_poly_seq_scheme.pdb_mon_id 
_pdbx_poly_seq_scheme.auth_mon_id 
_pdbx_poly_seq_scheme.pdb_strand_id 
_pdbx_poly_seq_scheme.pdb_ins_code 
_pdbx_poly_seq_scheme.hetero 
A 1 1  DG 1  1  1  DG G A . n 
A 1 2  DG 2  2  2  DG G A . n 
A 1 3  DA 3  3  3  DA A A . n 
A 1 4  DG 4  4  4  DG G A . n 
A 1 5  DG 5  5  5  DG G A . n 
A 1 6  DA 6  6  6  DA A A . n 
A 1 7  DG 7  7  7  DG G A . n 
A 1 8  DG 8  8  8  DG G A . n 
A 1 9  DA 9  9  9  DA A A . n 
A 1 10 DG 10 10 10 DG G A . n 
A 1 11 DG 11 11 11 DG G A . n 
A 1 12 DA 12 12 12 DA A A . n 
B 1 1  DG 1  13 13 DG G B . n 
B 1 2  DG 2  14 14 DG G B . n 
B 1 3  DA 3  15 15 DA A B . n 
B 1 4  DG 4  16 16 DG G B . n 
B 1 5  DG 5  17 17 DG G B . n 
B 1 6  DA 6  18 18 DA A B . n 
B 1 7  DG 7  19 19 DG G B . n 
B 1 8  DG 8  20 20 DG G B . n 
B 1 9  DA 9  21 21 DA A B . n 
B 1 10 DG 10 22 22 DG G B . n 
B 1 11 DG 11 23 23 DG G B . n 
B 1 12 DA 12 24 24 DA A B . n 
# 
_exptl.entry_id          1MYQ 
_exptl.method            'SOLUTION NMR' 
_exptl.crystals_number   ? 
# 
_exptl_crystal.id                    1 
_exptl_crystal.density_meas          ? 
_exptl_crystal.density_Matthews      ? 
_exptl_crystal.density_percent_sol   ? 
_exptl_crystal.description           ? 
# 
_diffrn.id                     1 
_diffrn.crystal_id             1 
_diffrn.ambient_temp           ? 
_diffrn.ambient_temp_details   ? 
# 
_diffrn_radiation.diffrn_id                        1 
_diffrn_radiation.wavelength_id                    1 
_diffrn_radiation.pdbx_monochromatic_or_laue_m_l   M 
_diffrn_radiation.monochromator                    ? 
_diffrn_radiation.pdbx_diffrn_protocol             'SINGLE WAVELENGTH' 
_diffrn_radiation.pdbx_scattering_type             ? 
# 
_diffrn_radiation_wavelength.id           1 
_diffrn_radiation_wavelength.wavelength   . 
_diffrn_radiation_wavelength.wt           1.0 
# 
_struct.entry_id                  1MYQ 
_struct.title                     
;An intramolecular quadruplex of (GGA)(4) triplet repeat DNA with a G:G:G:G tetrad and a G(:A):G(:A):G(:A):G heptad, and its dimeric interaction
;
_struct.pdbx_model_details        ? 
_struct.pdbx_CASP_flag            ? 
_struct.pdbx_model_type_details   ? 
# 
_struct_keywords.entry_id        1MYQ 
_struct_keywords.pdbx_keywords   DNA 
_struct_keywords.text            'intramolecular parallel quadruplex structure, dimeric structure, DNA' 
# 
loop_
_struct_asym.id 
_struct_asym.pdbx_blank_PDB_chainid_flag 
_struct_asym.pdbx_modified 
_struct_asym.entity_id 
_struct_asym.details 
A N N 1 ? 
B N N 1 ? 
# 
_struct_ref.id                         1 
_struct_ref.entity_id                  1 
_struct_ref.db_name                    PDB 
_struct_ref.db_code                    1MYQ 
_struct_ref.pdbx_db_accession          1MYQ 
_struct_ref.pdbx_db_isoform            ? 
_struct_ref.pdbx_seq_one_letter_code   ? 
_struct_ref.pdbx_align_begin           ? 
# 
loop_
_struct_ref_seq.align_id 
_struct_ref_seq.ref_id 
_struct_ref_seq.pdbx_PDB_id_code 
_struct_ref_seq.pdbx_strand_id 
_struct_ref_seq.seq_align_beg 
_struct_ref_seq.pdbx_seq_align_beg_ins_code 
_struct_ref_seq.seq_align_end 
_struct_ref_seq.pdbx_seq_align_end_ins_code 
_struct_ref_seq.pdbx_db_accession 
_struct_ref_seq.db_align_beg 
_struct_ref_seq.pdbx_db_align_beg_ins_code 
_struct_ref_seq.db_align_end 
_struct_ref_seq.pdbx_db_align_end_ins_code 
_struct_ref_seq.pdbx_auth_seq_align_beg 
_struct_ref_seq.pdbx_auth_seq_align_end 
1 1 1MYQ A 1 ? 12 ? 1MYQ 1  ? 12 ? 1  12 
2 1 1MYQ B 1 ? 12 ? 1MYQ 13 ? 24 ? 13 24 
# 
_pdbx_struct_assembly.id                   1 
_pdbx_struct_assembly.details              author_defined_assembly 
_pdbx_struct_assembly.method_details       ? 
_pdbx_struct_assembly.oligomeric_details   dimeric 
_pdbx_struct_assembly.oligomeric_count     2 
# 
_pdbx_struct_assembly_gen.assembly_id       1 
_pdbx_struct_assembly_gen.oper_expression   1 
_pdbx_struct_assembly_gen.asym_id_list      A,B 
# 
_pdbx_struct_oper_list.id                   1 
_pdbx_struct_oper_list.type                 'identity operation' 
_pdbx_struct_oper_list.name                 1_555 
_pdbx_struct_oper_list.symmetry_operation   x,y,z 
_pdbx_struct_oper_list.matrix[1][1]         1.0000000000 
_pdbx_struct_oper_list.matrix[1][2]         0.0000000000 
_pdbx_struct_oper_list.matrix[1][3]         0.0000000000 
_pdbx_struct_oper_list.vector[1]            0.0000000000 
_pdbx_struct_oper_list.matrix[2][1]         0.0000000000 
_pdbx_struct_oper_list.matrix[2][2]         1.0000000000 
_pdbx_struct_oper_list.matrix[2][3]         0.0000000000 
_pdbx_struct_oper_list.vector[2]            0.0000000000 
_pdbx_struct_oper_list.matrix[3][1]         0.0000000000 
_pdbx_struct_oper_list.matrix[3][2]         0.0000000000 
_pdbx_struct_oper_list.matrix[3][3]         1.0000000000 
_pdbx_struct_oper_list.vector[3]            0.0000000000 
# 
_struct_biol.id   1 
# 
loop_
_struct_conn.id 
_struct_conn.conn_type_id 
_struct_conn.pdbx_leaving_atom_flag 
_struct_conn.pdbx_PDB_id 
_struct_conn.ptnr1_label_asym_id 
_struct_conn.ptnr1_label_comp_id 
_struct_conn.ptnr1_label_seq_id 
_struct_conn.ptnr1_label_atom_id 
_struct_conn.pdbx_ptnr1_label_alt_id 
_struct_conn.pdbx_ptnr1_PDB_ins_code 
_struct_conn.pdbx_ptnr1_standard_comp_id 
_struct_conn.ptnr1_symmetry 
_struct_conn.ptnr2_label_asym_id 
_struct_conn.ptnr2_label_comp_id 
_struct_conn.ptnr2_label_seq_id 
_struct_conn.ptnr2_label_atom_id 
_struct_conn.pdbx_ptnr2_label_alt_id 
_struct_conn.pdbx_ptnr2_PDB_ins_code 
_struct_conn.ptnr1_auth_asym_id 
_struct_conn.ptnr1_auth_comp_id 
_struct_conn.ptnr1_auth_seq_id 
_struct_conn.ptnr2_auth_asym_id 
_struct_conn.ptnr2_auth_comp_id 
_struct_conn.ptnr2_auth_seq_id 
_struct_conn.ptnr2_symmetry 
_struct_conn.pdbx_ptnr3_label_atom_id 
_struct_conn.pdbx_ptnr3_label_seq_id 
_struct_conn.pdbx_ptnr3_label_comp_id 
_struct_conn.pdbx_ptnr3_label_asym_id 
_struct_conn.pdbx_ptnr3_label_alt_id 
_struct_conn.pdbx_ptnr3_PDB_ins_code 
_struct_conn.details 
_struct_conn.pdbx_dist_value 
_struct_conn.pdbx_value_order 
_struct_conn.pdbx_role 
hydrog1  hydrog ? ? A DG 1  N2 ? ? ? 1_555 A DA 3  N7 ? ? A DG 1  A DA 3  1_555 ? ? ? ? ? ? TYPE_11_PAIR    ? ? ? 
hydrog2  hydrog ? ? A DG 1  N3 ? ? ? 1_555 A DA 3  N6 ? ? A DG 1  A DA 3  1_555 ? ? ? ? ? ? TYPE_11_PAIR    ? ? ? 
hydrog3  hydrog ? ? A DG 1  N1 ? ? ? 1_555 A DG 4  O6 ? ? A DG 1  A DG 4  1_555 ? ? ? ? ? ? TYPE_6_PAIR     ? ? ? 
hydrog4  hydrog ? ? A DG 1  N2 ? ? ? 1_555 A DG 4  N7 ? ? A DG 1  A DG 4  1_555 ? ? ? ? ? ? TYPE_6_PAIR     ? ? ? 
hydrog5  hydrog ? ? A DG 1  N7 ? ? ? 1_555 A DG 10 N2 ? ? A DG 1  A DG 10 1_555 ? ? ? ? ? ? TYPE_6_PAIR     ? ? ? 
hydrog6  hydrog ? ? A DG 1  O6 ? ? ? 1_555 A DG 10 N1 ? ? A DG 1  A DG 10 1_555 ? ? ? ? ? ? TYPE_6_PAIR     ? ? ? 
hydrog7  hydrog ? ? A DG 1  N7 ? ? ? 1_555 A DG 11 N1 ? ? A DG 1  A DG 11 1_555 ? ? ? ? ? ? 'DG-DG MISPAIR' ? ? ? 
hydrog8  hydrog ? ? A DG 2  N1 ? ? ? 1_555 A DG 5  O6 ? ? A DG 2  A DG 5  1_555 ? ? ? ? ? ? 'DG-DG MISPAIR' ? ? ? 
hydrog9  hydrog ? ? A DG 2  N7 ? ? ? 1_555 A DG 11 N2 ? ? A DG 2  A DG 11 1_555 ? ? ? ? ? ? TYPE_6_PAIR     ? ? ? 
hydrog10 hydrog ? ? A DG 2  O6 ? ? ? 1_555 A DG 11 N1 ? ? A DG 2  A DG 11 1_555 ? ? ? ? ? ? TYPE_6_PAIR     ? ? ? 
hydrog11 hydrog ? ? A DA 3  N6 ? ? ? 1_555 B DG 10 N7 ? ? A DA 3  B DG 22 1_555 ? ? ? ? ? ? 'DA-DG MISPAIR' ? ? ? 
hydrog12 hydrog ? ? A DG 4  N2 ? ? ? 1_555 A DA 6  N7 ? ? A DG 4  A DA 6  1_555 ? ? ? ? ? ? TYPE_11_PAIR    ? ? ? 
hydrog13 hydrog ? ? A DG 4  N3 ? ? ? 1_555 A DA 6  N6 ? ? A DG 4  A DA 6  1_555 ? ? ? ? ? ? TYPE_11_PAIR    ? ? ? 
hydrog14 hydrog ? ? A DG 4  N1 ? ? ? 1_555 A DG 7  O6 ? ? A DG 4  A DG 7  1_555 ? ? ? ? ? ? TYPE_6_PAIR     ? ? ? 
hydrog15 hydrog ? ? A DG 4  N2 ? ? ? 1_555 A DG 7  N7 ? ? A DG 4  A DG 7  1_555 ? ? ? ? ? ? TYPE_6_PAIR     ? ? ? 
hydrog16 hydrog ? ? A DG 5  N1 ? ? ? 1_555 A DG 8  O6 ? ? A DG 5  A DG 8  1_555 ? ? ? ? ? ? TYPE_6_PAIR     ? ? ? 
hydrog17 hydrog ? ? A DG 5  N2 ? ? ? 1_555 A DG 8  N7 ? ? A DG 5  A DG 8  1_555 ? ? ? ? ? ? TYPE_6_PAIR     ? ? ? 
hydrog18 hydrog ? ? A DA 6  N6 ? ? ? 1_555 B DG 7  N7 ? ? A DA 6  B DG 19 1_555 ? ? ? ? ? ? 'DA-DG MISPAIR' ? ? ? 
hydrog19 hydrog ? ? A DG 7  N2 ? ? ? 1_555 A DA 9  N7 ? ? A DG 7  A DA 9  1_555 ? ? ? ? ? ? TYPE_11_PAIR    ? ? ? 
hydrog20 hydrog ? ? A DG 7  N3 ? ? ? 1_555 A DA 9  N6 ? ? A DG 7  A DA 9  1_555 ? ? ? ? ? ? TYPE_11_PAIR    ? ? ? 
hydrog21 hydrog ? ? A DG 7  N1 ? ? ? 1_555 A DG 10 O6 ? ? A DG 7  A DG 10 1_555 ? ? ? ? ? ? TYPE_6_PAIR     ? ? ? 
hydrog22 hydrog ? ? A DG 7  N2 ? ? ? 1_555 A DG 10 N7 ? ? A DG 7  A DG 10 1_555 ? ? ? ? ? ? TYPE_6_PAIR     ? ? ? 
hydrog23 hydrog ? ? A DG 7  N7 ? ? ? 1_555 B DA 6  N6 ? ? A DG 7  B DA 18 1_555 ? ? ? ? ? ? 'DG-DA MISPAIR' ? ? ? 
hydrog24 hydrog ? ? A DG 8  N1 ? ? ? 1_555 A DG 11 O6 ? ? A DG 8  A DG 11 1_555 ? ? ? ? ? ? TYPE_6_PAIR     ? ? ? 
hydrog25 hydrog ? ? A DG 8  N2 ? ? ? 1_555 A DG 11 N7 ? ? A DG 8  A DG 11 1_555 ? ? ? ? ? ? TYPE_6_PAIR     ? ? ? 
hydrog26 hydrog ? ? A DG 8  O6 ? ? ? 1_555 A DA 12 N6 ? ? A DG 8  A DA 12 1_555 ? ? ? ? ? ? 'DG-DA MISPAIR' ? ? ? 
hydrog27 hydrog ? ? A DG 10 N7 ? ? ? 1_555 B DA 3  N6 ? ? A DG 10 B DA 15 1_555 ? ? ? ? ? ? 'DG-DA MISPAIR' ? ? ? 
hydrog28 hydrog ? ? B DG 1  N2 ? ? ? 1_555 B DA 3  N7 ? ? B DG 13 B DA 15 1_555 ? ? ? ? ? ? TYPE_11_PAIR    ? ? ? 
hydrog29 hydrog ? ? B DG 1  N3 ? ? ? 1_555 B DA 3  N6 ? ? B DG 13 B DA 15 1_555 ? ? ? ? ? ? TYPE_11_PAIR    ? ? ? 
hydrog30 hydrog ? ? B DG 1  N1 ? ? ? 1_555 B DG 4  O6 ? ? B DG 13 B DG 16 1_555 ? ? ? ? ? ? TYPE_6_PAIR     ? ? ? 
hydrog31 hydrog ? ? B DG 1  N2 ? ? ? 1_555 B DG 4  N7 ? ? B DG 13 B DG 16 1_555 ? ? ? ? ? ? TYPE_6_PAIR     ? ? ? 
hydrog32 hydrog ? ? B DG 1  N7 ? ? ? 1_555 B DG 10 N2 ? ? B DG 13 B DG 22 1_555 ? ? ? ? ? ? TYPE_6_PAIR     ? ? ? 
hydrog33 hydrog ? ? B DG 1  O6 ? ? ? 1_555 B DG 10 N1 ? ? B DG 13 B DG 22 1_555 ? ? ? ? ? ? TYPE_6_PAIR     ? ? ? 
hydrog34 hydrog ? ? B DG 1  N7 ? ? ? 1_555 B DG 11 N2 ? ? B DG 13 B DG 23 1_555 ? ? ? ? ? ? TYPE_6_PAIR     ? ? ? 
hydrog35 hydrog ? ? B DG 1  O6 ? ? ? 1_555 B DG 11 N1 ? ? B DG 13 B DG 23 1_555 ? ? ? ? ? ? TYPE_6_PAIR     ? ? ? 
hydrog36 hydrog ? ? B DG 2  N1 ? ? ? 1_555 B DG 5  O6 ? ? B DG 14 B DG 17 1_555 ? ? ? ? ? ? 'DG-DG MISPAIR' ? ? ? 
hydrog37 hydrog ? ? B DG 2  N7 ? ? ? 1_555 B DG 11 N2 ? ? B DG 14 B DG 23 1_555 ? ? ? ? ? ? TYPE_6_PAIR     ? ? ? 
hydrog38 hydrog ? ? B DG 2  O6 ? ? ? 1_555 B DG 11 N1 ? ? B DG 14 B DG 23 1_555 ? ? ? ? ? ? TYPE_6_PAIR     ? ? ? 
hydrog39 hydrog ? ? B DG 4  N2 ? ? ? 1_555 B DA 6  N7 ? ? B DG 16 B DA 18 1_555 ? ? ? ? ? ? TYPE_11_PAIR    ? ? ? 
hydrog40 hydrog ? ? B DG 4  N3 ? ? ? 1_555 B DA 6  N6 ? ? B DG 16 B DA 18 1_555 ? ? ? ? ? ? TYPE_11_PAIR    ? ? ? 
hydrog41 hydrog ? ? B DG 4  N1 ? ? ? 1_555 B DG 7  O6 ? ? B DG 16 B DG 19 1_555 ? ? ? ? ? ? TYPE_6_PAIR     ? ? ? 
hydrog42 hydrog ? ? B DG 4  N2 ? ? ? 1_555 B DG 7  N7 ? ? B DG 16 B DG 19 1_555 ? ? ? ? ? ? TYPE_6_PAIR     ? ? ? 
hydrog43 hydrog ? ? B DG 5  N1 ? ? ? 1_555 B DG 8  O6 ? ? B DG 17 B DG 20 1_555 ? ? ? ? ? ? TYPE_6_PAIR     ? ? ? 
hydrog44 hydrog ? ? B DG 5  N2 ? ? ? 1_555 B DG 8  N7 ? ? B DG 17 B DG 20 1_555 ? ? ? ? ? ? TYPE_6_PAIR     ? ? ? 
hydrog45 hydrog ? ? B DG 7  N2 ? ? ? 1_555 B DA 9  N7 ? ? B DG 19 B DA 21 1_555 ? ? ? ? ? ? TYPE_11_PAIR    ? ? ? 
hydrog46 hydrog ? ? B DG 7  N3 ? ? ? 1_555 B DA 9  N6 ? ? B DG 19 B DA 21 1_555 ? ? ? ? ? ? TYPE_11_PAIR    ? ? ? 
hydrog47 hydrog ? ? B DG 7  N1 ? ? ? 1_555 B DG 10 O6 ? ? B DG 19 B DG 22 1_555 ? ? ? ? ? ? TYPE_6_PAIR     ? ? ? 
hydrog48 hydrog ? ? B DG 7  N2 ? ? ? 1_555 B DG 10 N7 ? ? B DG 19 B DG 22 1_555 ? ? ? ? ? ? TYPE_6_PAIR     ? ? ? 
hydrog49 hydrog ? ? B DG 8  N1 ? ? ? 1_555 B DG 11 O6 ? ? B DG 20 B DG 23 1_555 ? ? ? ? ? ? TYPE_6_PAIR     ? ? ? 
hydrog50 hydrog ? ? B DG 8  N2 ? ? ? 1_555 B DG 11 N7 ? ? B DG 20 B DG 23 1_555 ? ? ? ? ? ? TYPE_6_PAIR     ? ? ? 
hydrog51 hydrog ? ? B DG 8  O6 ? ? ? 1_555 B DA 12 N6 ? ? B DG 20 B DA 24 1_555 ? ? ? ? ? ? 'DG-DA MISPAIR' ? ? ? 
# 
_struct_conn_type.id          hydrog 
_struct_conn_type.criteria    ? 
_struct_conn_type.reference   ? 
# 
loop_
_pdbx_validate_close_contact.id 
_pdbx_validate_close_contact.PDB_model_num 
_pdbx_validate_close_contact.auth_atom_id_1 
_pdbx_validate_close_contact.auth_asym_id_1 
_pdbx_validate_close_contact.auth_comp_id_1 
_pdbx_validate_close_contact.auth_seq_id_1 
_pdbx_validate_close_contact.PDB_ins_code_1 
_pdbx_validate_close_contact.label_alt_id_1 
_pdbx_validate_close_contact.auth_atom_id_2 
_pdbx_validate_close_contact.auth_asym_id_2 
_pdbx_validate_close_contact.auth_comp_id_2 
_pdbx_validate_close_contact.auth_seq_id_2 
_pdbx_validate_close_contact.PDB_ins_code_2 
_pdbx_validate_close_contact.label_alt_id_2 
_pdbx_validate_close_contact.dist 
1 1 O6  A DG 8  ? ? H61 A DA 12 ? ? 1.47 
2 1 H1  B DG 19 ? ? O6  B DG 22 ? ? 1.47 
3 1 H1  B DG 16 ? ? O6  B DG 19 ? ? 1.50 
4 1 H1  A DG 4  ? ? O6  A DG 7  ? ? 1.52 
5 1 N7  A DG 2  ? ? H21 A DG 11 ? ? 1.54 
6 1 H22 A DG 1  ? ? N7  A DA 3  ? ? 1.59 
# 
loop_
_pdbx_validate_rmsd_angle.id 
_pdbx_validate_rmsd_angle.PDB_model_num 
_pdbx_validate_rmsd_angle.auth_atom_id_1 
_pdbx_validate_rmsd_angle.auth_asym_id_1 
_pdbx_validate_rmsd_angle.auth_comp_id_1 
_pdbx_validate_rmsd_angle.auth_seq_id_1 
_pdbx_validate_rmsd_angle.PDB_ins_code_1 
_pdbx_validate_rmsd_angle.label_alt_id_1 
_pdbx_validate_rmsd_angle.auth_atom_id_2 
_pdbx_validate_rmsd_angle.auth_asym_id_2 
_pdbx_validate_rmsd_angle.auth_comp_id_2 
_pdbx_validate_rmsd_angle.auth_seq_id_2 
_pdbx_validate_rmsd_angle.PDB_ins_code_2 
_pdbx_validate_rmsd_angle.label_alt_id_2 
_pdbx_validate_rmsd_angle.auth_atom_id_3 
_pdbx_validate_rmsd_angle.auth_asym_id_3 
_pdbx_validate_rmsd_angle.auth_comp_id_3 
_pdbx_validate_rmsd_angle.auth_seq_id_3 
_pdbx_validate_rmsd_angle.PDB_ins_code_3 
_pdbx_validate_rmsd_angle.label_alt_id_3 
_pdbx_validate_rmsd_angle.angle_value 
_pdbx_validate_rmsd_angle.angle_target_value 
_pdbx_validate_rmsd_angle.angle_deviation 
_pdbx_validate_rmsd_angle.angle_standard_deviation 
_pdbx_validate_rmsd_angle.linker_flag 
1  1 "O4'" A DG 1  ? ? "C1'" A DG 1  ? ? N9 A DG 1  ? ? 111.81 108.30 3.51  0.30 N 
2  1 N7    A DG 1  ? ? C8    A DG 1  ? ? N9 A DG 1  ? ? 117.63 113.10 4.53  0.50 N 
3  1 C8    A DG 1  ? ? N9    A DG 1  ? ? C4 A DG 1  ? ? 103.84 106.40 -2.56 0.40 N 
4  1 "O4'" A DG 2  ? ? "C1'" A DG 2  ? ? N9 A DG 2  ? ? 111.87 108.30 3.57  0.30 N 
5  1 N7    A DG 2  ? ? C8    A DG 2  ? ? N9 A DG 2  ? ? 117.69 113.10 4.59  0.50 N 
6  1 C8    A DG 2  ? ? N9    A DG 2  ? ? C4 A DG 2  ? ? 103.70 106.40 -2.70 0.40 N 
7  1 N7    A DA 3  ? ? C8    A DA 3  ? ? N9 A DA 3  ? ? 117.54 113.80 3.74  0.50 N 
8  1 C8    A DA 3  ? ? N9    A DA 3  ? ? C4 A DA 3  ? ? 103.14 105.80 -2.66 0.40 N 
9  1 N7    A DG 4  ? ? C8    A DG 4  ? ? N9 A DG 4  ? ? 117.81 113.10 4.71  0.50 N 
10 1 C8    A DG 4  ? ? N9    A DG 4  ? ? C4 A DG 4  ? ? 103.75 106.40 -2.65 0.40 N 
11 1 "O4'" A DG 5  ? ? "C1'" A DG 5  ? ? N9 A DG 5  ? ? 110.82 108.30 2.52  0.30 N 
12 1 N7    A DG 5  ? ? C8    A DG 5  ? ? N9 A DG 5  ? ? 117.50 113.10 4.40  0.50 N 
13 1 C8    A DG 5  ? ? N9    A DG 5  ? ? C4 A DG 5  ? ? 103.91 106.40 -2.49 0.40 N 
14 1 "O4'" A DA 6  ? ? "C1'" A DA 6  ? ? N9 A DA 6  ? ? 110.49 108.30 2.19  0.30 N 
15 1 N7    A DA 6  ? ? C8    A DA 6  ? ? N9 A DA 6  ? ? 117.52 113.80 3.72  0.50 N 
16 1 "O4'" A DG 7  ? ? "C1'" A DG 7  ? ? N9 A DG 7  ? ? 111.42 108.30 3.12  0.30 N 
17 1 N7    A DG 7  ? ? C8    A DG 7  ? ? N9 A DG 7  ? ? 117.31 113.10 4.21  0.50 N 
18 1 "O4'" A DG 8  ? ? "C1'" A DG 8  ? ? N9 A DG 8  ? ? 112.17 108.30 3.87  0.30 N 
19 1 N7    A DG 8  ? ? C8    A DG 8  ? ? N9 A DG 8  ? ? 117.51 113.10 4.41  0.50 N 
20 1 C8    A DG 8  ? ? N9    A DG 8  ? ? C4 A DG 8  ? ? 103.76 106.40 -2.64 0.40 N 
21 1 N7    A DA 9  ? ? C8    A DA 9  ? ? N9 A DA 9  ? ? 117.43 113.80 3.63  0.50 N 
22 1 C8    A DA 9  ? ? N9    A DA 9  ? ? C4 A DA 9  ? ? 103.01 105.80 -2.79 0.40 N 
23 1 "O4'" A DG 10 ? ? "C1'" A DG 10 ? ? N9 A DG 10 ? ? 111.19 108.30 2.89  0.30 N 
24 1 N7    A DG 10 ? ? C8    A DG 10 ? ? N9 A DG 10 ? ? 117.59 113.10 4.49  0.50 N 
25 1 C8    A DG 10 ? ? N9    A DG 10 ? ? C4 A DG 10 ? ? 103.83 106.40 -2.57 0.40 N 
26 1 "O4'" A DG 11 ? ? "C1'" A DG 11 ? ? N9 A DG 11 ? ? 110.71 108.30 2.41  0.30 N 
27 1 N7    A DG 11 ? ? C8    A DG 11 ? ? N9 A DG 11 ? ? 117.65 113.10 4.55  0.50 N 
28 1 C8    A DG 11 ? ? N9    A DG 11 ? ? C4 A DG 11 ? ? 103.71 106.40 -2.69 0.40 N 
29 1 "O4'" A DA 12 ? ? "C1'" A DA 12 ? ? N9 A DA 12 ? ? 110.62 108.30 2.32  0.30 N 
30 1 N7    A DA 12 ? ? C8    A DA 12 ? ? N9 A DA 12 ? ? 117.54 113.80 3.74  0.50 N 
31 1 "O4'" B DG 13 ? ? "C1'" B DG 13 ? ? N9 B DG 13 ? ? 111.70 108.30 3.40  0.30 N 
32 1 N7    B DG 13 ? ? C8    B DG 13 ? ? N9 B DG 13 ? ? 117.67 113.10 4.57  0.50 N 
33 1 C8    B DG 13 ? ? N9    B DG 13 ? ? C4 B DG 13 ? ? 103.91 106.40 -2.49 0.40 N 
34 1 "O4'" B DG 14 ? ? "C1'" B DG 14 ? ? N9 B DG 14 ? ? 112.01 108.30 3.71  0.30 N 
35 1 N7    B DG 14 ? ? C8    B DG 14 ? ? N9 B DG 14 ? ? 117.73 113.10 4.63  0.50 N 
36 1 C8    B DG 14 ? ? N9    B DG 14 ? ? C4 B DG 14 ? ? 103.60 106.40 -2.80 0.40 N 
37 1 N7    B DA 15 ? ? C8    B DA 15 ? ? N9 B DA 15 ? ? 117.49 113.80 3.69  0.50 N 
38 1 C8    B DA 15 ? ? N9    B DA 15 ? ? C4 B DA 15 ? ? 103.25 105.80 -2.55 0.40 N 
39 1 N7    B DG 16 ? ? C8    B DG 16 ? ? N9 B DG 16 ? ? 117.89 113.10 4.79  0.50 N 
40 1 C8    B DG 16 ? ? N9    B DG 16 ? ? C4 B DG 16 ? ? 103.66 106.40 -2.74 0.40 N 
41 1 "O4'" B DG 17 ? ? "C1'" B DG 17 ? ? N9 B DG 17 ? ? 110.80 108.30 2.50  0.30 N 
42 1 N7    B DG 17 ? ? C8    B DG 17 ? ? N9 B DG 17 ? ? 117.54 113.10 4.44  0.50 N 
43 1 C8    B DG 17 ? ? N9    B DG 17 ? ? C4 B DG 17 ? ? 103.88 106.40 -2.52 0.40 N 
44 1 "O4'" B DA 18 ? ? "C1'" B DA 18 ? ? N9 B DA 18 ? ? 110.54 108.30 2.24  0.30 N 
45 1 N7    B DA 18 ? ? C8    B DA 18 ? ? N9 B DA 18 ? ? 117.52 113.80 3.72  0.50 N 
46 1 C8    B DA 18 ? ? N9    B DA 18 ? ? C4 B DA 18 ? ? 103.38 105.80 -2.42 0.40 N 
47 1 "O4'" B DG 19 ? ? "C1'" B DG 19 ? ? N9 B DG 19 ? ? 111.44 108.30 3.14  0.30 N 
48 1 N7    B DG 19 ? ? C8    B DG 19 ? ? N9 B DG 19 ? ? 117.38 113.10 4.28  0.50 N 
49 1 "O4'" B DG 20 ? ? "C1'" B DG 20 ? ? N9 B DG 20 ? ? 112.35 108.30 4.05  0.30 N 
50 1 N7    B DG 20 ? ? C8    B DG 20 ? ? N9 B DG 20 ? ? 117.53 113.10 4.43  0.50 N 
51 1 C8    B DG 20 ? ? N9    B DG 20 ? ? C4 B DG 20 ? ? 103.85 106.40 -2.55 0.40 N 
52 1 N7    B DA 21 ? ? C8    B DA 21 ? ? N9 B DA 21 ? ? 117.57 113.80 3.77  0.50 N 
53 1 C8    B DA 21 ? ? N9    B DA 21 ? ? C4 B DA 21 ? ? 102.96 105.80 -2.84 0.40 N 
54 1 "O4'" B DG 22 ? ? "C1'" B DG 22 ? ? N9 B DG 22 ? ? 111.11 108.30 2.81  0.30 N 
55 1 N7    B DG 22 ? ? C8    B DG 22 ? ? N9 B DG 22 ? ? 117.67 113.10 4.57  0.50 N 
56 1 C8    B DG 22 ? ? N9    B DG 22 ? ? C4 B DG 22 ? ? 103.82 106.40 -2.58 0.40 N 
57 1 "O4'" B DG 23 ? ? "C1'" B DG 23 ? ? N9 B DG 23 ? ? 110.77 108.30 2.47  0.30 N 
58 1 N7    B DG 23 ? ? C8    B DG 23 ? ? N9 B DG 23 ? ? 117.53 113.10 4.43  0.50 N 
59 1 C8    B DG 23 ? ? N9    B DG 23 ? ? C4 B DG 23 ? ? 103.76 106.40 -2.64 0.40 N 
60 1 "O4'" B DA 24 ? ? "C1'" B DA 24 ? ? N9 B DA 24 ? ? 110.57 108.30 2.27  0.30 N 
61 1 N7    B DA 24 ? ? C8    B DA 24 ? ? N9 B DA 24 ? ? 117.50 113.80 3.70  0.50 N 
# 
_pdbx_nmr_ensemble.entry_id                                      1MYQ 
_pdbx_nmr_ensemble.conformers_calculated_total_number            ? 
_pdbx_nmr_ensemble.conformers_submitted_total_number             1 
_pdbx_nmr_ensemble.conformer_selection_criteria                  'structures with the lowest energy' 
_pdbx_nmr_ensemble.average_constraints_per_residue               ? 
_pdbx_nmr_ensemble.average_constraint_violations_per_residue     ? 
_pdbx_nmr_ensemble.maximum_distance_constraint_violation         ? 
_pdbx_nmr_ensemble.average_distance_constraint_violation         ? 
_pdbx_nmr_ensemble.maximum_upper_distance_constraint_violation   ? 
_pdbx_nmr_ensemble.maximum_lower_distance_constraint_violation   ? 
_pdbx_nmr_ensemble.distance_constraint_violation_method          ? 
_pdbx_nmr_ensemble.maximum_torsion_angle_constraint_violation    ? 
_pdbx_nmr_ensemble.average_torsion_angle_constraint_violation    ? 
_pdbx_nmr_ensemble.torsion_angle_constraint_violation_method     ? 
# 
_pdbx_nmr_representative.entry_id             1MYQ 
_pdbx_nmr_representative.conformer_id         1 
_pdbx_nmr_representative.selection_criteria   'lowest energy' 
# 
loop_
_pdbx_nmr_sample_details.solution_id 
_pdbx_nmr_sample_details.contents 
_pdbx_nmr_sample_details.solvent_system 
1 '2 mM DNA; 10 mM sodium phosphate buffer (pH 6.5);  100 mM KCl;' '95% H2O/5% D2O' 
2 '2 mM DNA; 10 mM sodium phosphate buffer (pH 6.5);'              '100% D2O'       
# 
loop_
_pdbx_nmr_exptl_sample_conditions.conditions_id 
_pdbx_nmr_exptl_sample_conditions.temperature 
_pdbx_nmr_exptl_sample_conditions.pressure 
_pdbx_nmr_exptl_sample_conditions.pH 
_pdbx_nmr_exptl_sample_conditions.ionic_strength 
_pdbx_nmr_exptl_sample_conditions.pressure_units 
_pdbx_nmr_exptl_sample_conditions.temperature_units 
1 274 ambient 6.5 '100 mM KCl' ? K 
2 298 ambient 6.5 '100 mM KCl' ? K 
# 
loop_
_pdbx_nmr_exptl.experiment_id 
_pdbx_nmr_exptl.solution_id 
_pdbx_nmr_exptl.conditions_id 
_pdbx_nmr_exptl.type 
1 1 1 '2D NOESY' 
2 2 2 '2D NOESY' 
3 2 2 '2D TOCSY' 
4 2 2 DQF-COSY   
# 
_pdbx_nmr_refine.entry_id           1MYQ 
_pdbx_nmr_refine.method             'simulated annealing' 
_pdbx_nmr_refine.details            ? 
_pdbx_nmr_refine.software_ordinal   1 
# 
loop_
_pdbx_nmr_software.name 
_pdbx_nmr_software.version 
_pdbx_nmr_software.classification 
_pdbx_nmr_software.authors 
_pdbx_nmr_software.ordinal 
X-PLOR 3.851 'structure solution' Brunger 1 
X-PLOR 3.851 refinement           Brunger 2 
# 
loop_
_chem_comp_atom.comp_id 
_chem_comp_atom.atom_id 
_chem_comp_atom.type_symbol 
_chem_comp_atom.pdbx_aromatic_flag 
_chem_comp_atom.pdbx_stereo_config 
_chem_comp_atom.pdbx_ordinal 
DA OP3    O N N 1  
DA P      P N N 2  
DA OP1    O N N 3  
DA OP2    O N N 4  
DA "O5'"  O N N 5  
DA "C5'"  C N N 6  
DA "C4'"  C N R 7  
DA "O4'"  O N N 8  
DA "C3'"  C N S 9  
DA "O3'"  O N N 10 
DA "C2'"  C N N 11 
DA "C1'"  C N R 12 
DA N9     N Y N 13 
DA C8     C Y N 14 
DA N7     N Y N 15 
DA C5     C Y N 16 
DA C6     C Y N 17 
DA N6     N N N 18 
DA N1     N Y N 19 
DA C2     C Y N 20 
DA N3     N Y N 21 
DA C4     C Y N 22 
DA HOP3   H N N 23 
DA HOP2   H N N 24 
DA "H5'"  H N N 25 
DA "H5''" H N N 26 
DA "H4'"  H N N 27 
DA "H3'"  H N N 28 
DA "HO3'" H N N 29 
DA "H2'"  H N N 30 
DA "H2''" H N N 31 
DA "H1'"  H N N 32 
DA H8     H N N 33 
DA H61    H N N 34 
DA H62    H N N 35 
DA H2     H N N 36 
DG OP3    O N N 37 
DG P      P N N 38 
DG OP1    O N N 39 
DG OP2    O N N 40 
DG "O5'"  O N N 41 
DG "C5'"  C N N 42 
DG "C4'"  C N R 43 
DG "O4'"  O N N 44 
DG "C3'"  C N S 45 
DG "O3'"  O N N 46 
DG "C2'"  C N N 47 
DG "C1'"  C N R 48 
DG N9     N Y N 49 
DG C8     C Y N 50 
DG N7     N Y N 51 
DG C5     C Y N 52 
DG C6     C N N 53 
DG O6     O N N 54 
DG N1     N N N 55 
DG C2     C N N 56 
DG N2     N N N 57 
DG N3     N N N 58 
DG C4     C Y N 59 
DG HOP3   H N N 60 
DG HOP2   H N N 61 
DG "H5'"  H N N 62 
DG "H5''" H N N 63 
DG "H4'"  H N N 64 
DG "H3'"  H N N 65 
DG "HO3'" H N N 66 
DG "H2'"  H N N 67 
DG "H2''" H N N 68 
DG "H1'"  H N N 69 
DG H8     H N N 70 
DG H1     H N N 71 
DG H21    H N N 72 
DG H22    H N N 73 
# 
loop_
_chem_comp_bond.comp_id 
_chem_comp_bond.atom_id_1 
_chem_comp_bond.atom_id_2 
_chem_comp_bond.value_order 
_chem_comp_bond.pdbx_aromatic_flag 
_chem_comp_bond.pdbx_stereo_config 
_chem_comp_bond.pdbx_ordinal 
DA OP3   P      sing N N 1  
DA OP3   HOP3   sing N N 2  
DA P     OP1    doub N N 3  
DA P     OP2    sing N N 4  
DA P     "O5'"  sing N N 5  
DA OP2   HOP2   sing N N 6  
DA "O5'" "C5'"  sing N N 7  
DA "C5'" "C4'"  sing N N 8  
DA "C5'" "H5'"  sing N N 9  
DA "C5'" "H5''" sing N N 10 
DA "C4'" "O4'"  sing N N 11 
DA "C4'" "C3'"  sing N N 12 
DA "C4'" "H4'"  sing N N 13 
DA "O4'" "C1'"  sing N N 14 
DA "C3'" "O3'"  sing N N 15 
DA "C3'" "C2'"  sing N N 16 
DA "C3'" "H3'"  sing N N 17 
DA "O3'" "HO3'" sing N N 18 
DA "C2'" "C1'"  sing N N 19 
DA "C2'" "H2'"  sing N N 20 
DA "C2'" "H2''" sing N N 21 
DA "C1'" N9     sing N N 22 
DA "C1'" "H1'"  sing N N 23 
DA N9    C8     sing Y N 24 
DA N9    C4     sing Y N 25 
DA C8    N7     doub Y N 26 
DA C8    H8     sing N N 27 
DA N7    C5     sing Y N 28 
DA C5    C6     sing Y N 29 
DA C5    C4     doub Y N 30 
DA C6    N6     sing N N 31 
DA C6    N1     doub Y N 32 
DA N6    H61    sing N N 33 
DA N6    H62    sing N N 34 
DA N1    C2     sing Y N 35 
DA C2    N3     doub Y N 36 
DA C2    H2     sing N N 37 
DA N3    C4     sing Y N 38 
DG OP3   P      sing N N 39 
DG OP3   HOP3   sing N N 40 
DG P     OP1    doub N N 41 
DG P     OP2    sing N N 42 
DG P     "O5'"  sing N N 43 
DG OP2   HOP2   sing N N 44 
DG "O5'" "C5'"  sing N N 45 
DG "C5'" "C4'"  sing N N 46 
DG "C5'" "H5'"  sing N N 47 
DG "C5'" "H5''" sing N N 48 
DG "C4'" "O4'"  sing N N 49 
DG "C4'" "C3'"  sing N N 50 
DG "C4'" "H4'"  sing N N 51 
DG "O4'" "C1'"  sing N N 52 
DG "C3'" "O3'"  sing N N 53 
DG "C3'" "C2'"  sing N N 54 
DG "C3'" "H3'"  sing N N 55 
DG "O3'" "HO3'" sing N N 56 
DG "C2'" "C1'"  sing N N 57 
DG "C2'" "H2'"  sing N N 58 
DG "C2'" "H2''" sing N N 59 
DG "C1'" N9     sing N N 60 
DG "C1'" "H1'"  sing N N 61 
DG N9    C8     sing Y N 62 
DG N9    C4     sing Y N 63 
DG C8    N7     doub Y N 64 
DG C8    H8     sing N N 65 
DG N7    C5     sing Y N 66 
DG C5    C6     sing N N 67 
DG C5    C4     doub Y N 68 
DG C6    O6     doub N N 69 
DG C6    N1     sing N N 70 
DG N1    C2     sing N N 71 
DG N1    H1     sing N N 72 
DG C2    N2     sing N N 73 
DG C2    N3     doub N N 74 
DG N2    H21    sing N N 75 
DG N2    H22    sing N N 76 
DG N3    C4     sing N N 77 
# 
_pdbx_nmr_spectrometer.spectrometer_id   1 
_pdbx_nmr_spectrometer.type              ? 
_pdbx_nmr_spectrometer.manufacturer      Bruker 
_pdbx_nmr_spectrometer.model             DRX 
_pdbx_nmr_spectrometer.field_strength    600 
# 
_atom_sites.entry_id                    1MYQ 
_atom_sites.fract_transf_matrix[1][1]   1.000000 
_atom_sites.fract_transf_matrix[1][2]   0.000000 
_atom_sites.fract_transf_matrix[1][3]   0.000000 
_atom_sites.fract_transf_matrix[2][1]   0.000000 
_atom_sites.fract_transf_matrix[2][2]   1.000000 
_atom_sites.fract_transf_matrix[2][3]   0.000000 
_atom_sites.fract_transf_matrix[3][1]   0.000000 
_atom_sites.fract_transf_matrix[3][2]   0.000000 
_atom_sites.fract_transf_matrix[3][3]   1.000000 
_atom_sites.fract_transf_vector[1]      0.00000 
_atom_sites.fract_transf_vector[2]      0.00000 
_atom_sites.fract_transf_vector[3]      0.00000 
# 
loop_
_atom_type.symbol 
C 
H 
N 
O 
P 
# 
loop_
_atom_site.group_PDB 
_atom_site.id 
_atom_site.type_symbol 
_atom_site.label_atom_id 
_atom_site.label_alt_id 
_atom_site.label_comp_id 
_atom_site.label_asym_id 
_atom_site.label_entity_id 
_atom_site.label_seq_id 
_atom_site.pdbx_PDB_ins_code 
_atom_site.Cartn_x 
_atom_site.Cartn_y 
_atom_site.Cartn_z 
_atom_site.occupancy 
_atom_site.B_iso_or_equiv 
_atom_site.pdbx_formal_charge 
_atom_site.auth_seq_id 
_atom_site.auth_comp_id 
_atom_site.auth_asym_id 
_atom_site.auth_atom_id 
_atom_site.pdbx_PDB_model_num 
ATOM 1   O "O5'"  . DG A 1 1  ? 4.072   5.371   -7.788  1.00 0.00 ? 1  DG A "O5'"  1 
ATOM 2   C "C5'"  . DG A 1 1  ? 3.743   6.522   -7.009  1.00 0.00 ? 1  DG A "C5'"  1 
ATOM 3   C "C4'"  . DG A 1 1  ? 4.424   6.488   -5.644  1.00 0.00 ? 1  DG A "C4'"  1 
ATOM 4   O "O4'"  . DG A 1 1  ? 3.645   5.698   -4.692  1.00 0.00 ? 1  DG A "O4'"  1 
ATOM 5   C "C3'"  . DG A 1 1  ? 5.808   5.856   -5.748  1.00 0.00 ? 1  DG A "C3'"  1 
ATOM 6   O "O3'"  . DG A 1 1  ? 6.763   6.744   -5.162  1.00 0.00 ? 1  DG A "O3'"  1 
ATOM 7   C "C2'"  . DG A 1 1  ? 5.728   4.580   -4.981  1.00 0.00 ? 1  DG A "C2'"  1 
ATOM 8   C "C1'"  . DG A 1 1  ? 4.544   4.744   -4.072  1.00 0.00 ? 1  DG A "C1'"  1 
ATOM 9   N N9     . DG A 1 1  ? 3.887   3.451   -3.833  1.00 0.00 ? 1  DG A N9     1 
ATOM 10  C C8     . DG A 1 1  ? 3.537   2.483   -4.711  1.00 0.00 ? 1  DG A C8     1 
ATOM 11  N N7     . DG A 1 1  ? 3.007   1.406   -4.234  1.00 0.00 ? 1  DG A N7     1 
ATOM 12  C C5     . DG A 1 1  ? 2.996   1.680   -2.862  1.00 0.00 ? 1  DG A C5     1 
ATOM 13  C C6     . DG A 1 1  ? 2.535   0.886   -1.778  1.00 0.00 ? 1  DG A C6     1 
ATOM 14  O O6     . DG A 1 1  ? 2.030   -0.234  -1.814  1.00 0.00 ? 1  DG A O6     1 
ATOM 15  N N1     . DG A 1 1  ? 2.708   1.534   -0.564  1.00 0.00 ? 1  DG A N1     1 
ATOM 16  C C2     . DG A 1 1  ? 3.253   2.793   -0.403  1.00 0.00 ? 1  DG A C2     1 
ATOM 17  N N2     . DG A 1 1  ? 3.319   3.255   0.845   1.00 0.00 ? 1  DG A N2     1 
ATOM 18  N N3     . DG A 1 1  ? 3.688   3.544   -1.417  1.00 0.00 ? 1  DG A N3     1 
ATOM 19  C C4     . DG A 1 1  ? 3.532   2.932   -2.611  1.00 0.00 ? 1  DG A C4     1 
ATOM 20  H "H5'"  . DG A 1 1  ? 2.663   6.561   -6.867  1.00 0.00 ? 1  DG A "H5'"  1 
ATOM 21  H "H5''" . DG A 1 1  ? 4.064   7.417   -7.543  1.00 0.00 ? 1  DG A "H5''" 1 
ATOM 22  H "H4'"  . DG A 1 1  ? 4.521   7.505   -5.267  1.00 0.00 ? 1  DG A "H4'"  1 
ATOM 23  H "H3'"  . DG A 1 1  ? 6.058   5.658   -6.791  1.00 0.00 ? 1  DG A "H3'"  1 
ATOM 24  H "H2'"  . DG A 1 1  ? 5.570   3.743   -5.660  1.00 0.00 ? 1  DG A "H2'"  1 
ATOM 25  H "H2''" . DG A 1 1  ? 6.629   4.427   -4.400  1.00 0.00 ? 1  DG A "H2''" 1 
ATOM 26  H "H1'"  . DG A 1 1  ? 4.889   5.145   -3.118  1.00 0.00 ? 1  DG A "H1'"  1 
ATOM 27  H H8     . DG A 1 1  ? 3.700   2.608   -5.779  1.00 0.00 ? 1  DG A H8     1 
ATOM 28  H H1     . DG A 1 1  ? 2.409   1.025   0.253   1.00 0.00 ? 1  DG A H1     1 
ATOM 29  H H21    . DG A 1 1  ? 2.989   2.686   1.613   1.00 0.00 ? 1  DG A H21    1 
ATOM 30  H H22    . DG A 1 1  ? 3.692   4.178   1.022   1.00 0.00 ? 1  DG A H22    1 
ATOM 31  H "HO5'" . DG A 1 1  ? 3.304   4.795   -7.786  1.00 0.00 ? 1  DG A "HO5'" 1 
ATOM 32  P P      . DG A 1 2  ? 8.340   6.520   -5.372  1.00 0.00 ? 2  DG A P      1 
ATOM 33  O OP1    . DG A 1 2  ? 8.876   7.667   -6.139  1.00 0.00 ? 2  DG A OP1    1 
ATOM 34  O OP2    . DG A 1 2  ? 8.555   5.139   -5.859  1.00 0.00 ? 2  DG A OP2    1 
ATOM 35  O "O5'"  . DG A 1 2  ? 8.894   6.618   -3.861  1.00 0.00 ? 2  DG A "O5'"  1 
ATOM 36  C "C5'"  . DG A 1 2  ? 8.498   7.710   -3.023  1.00 0.00 ? 2  DG A "C5'"  1 
ATOM 37  C "C4'"  . DG A 1 2  ? 8.191   7.264   -1.594  1.00 0.00 ? 2  DG A "C4'"  1 
ATOM 38  O "O4'"  . DG A 1 2  ? 7.200   6.193   -1.569  1.00 0.00 ? 2  DG A "O4'"  1 
ATOM 39  C "C3'"  . DG A 1 2  ? 9.448   6.752   -0.896  1.00 0.00 ? 2  DG A "C3'"  1 
ATOM 40  O "O3'"  . DG A 1 2  ? 9.694   7.568   0.255   1.00 0.00 ? 2  DG A "O3'"  1 
ATOM 41  C "C2'"  . DG A 1 2  ? 9.145   5.339   -0.504  1.00 0.00 ? 2  DG A "C2'"  1 
ATOM 42  C "C1'"  . DG A 1 2  ? 7.644   5.227   -0.588  1.00 0.00 ? 2  DG A "C1'"  1 
ATOM 43  N N9     . DG A 1 2  ? 7.231   3.854   -0.942  1.00 0.00 ? 2  DG A N9     1 
ATOM 44  C C8     . DG A 1 2  ? 7.397   3.170   -2.098  1.00 0.00 ? 2  DG A C8     1 
ATOM 45  N N7     . DG A 1 2  ? 6.945   1.963   -2.151  1.00 0.00 ? 2  DG A N7     1 
ATOM 46  C C5     . DG A 1 2  ? 6.404   1.804   -0.872  1.00 0.00 ? 2  DG A C5     1 
ATOM 47  C C6     . DG A 1 2  ? 5.750   0.682   -0.294  1.00 0.00 ? 2  DG A C6     1 
ATOM 48  O O6     . DG A 1 2  ? 5.514   -0.410  -0.806  1.00 0.00 ? 2  DG A O6     1 
ATOM 49  N N1     . DG A 1 2  ? 5.360   0.938   1.014   1.00 0.00 ? 2  DG A N1     1 
ATOM 50  C C2     . DG A 1 2  ? 5.571   2.124   1.689   1.00 0.00 ? 2  DG A C2     1 
ATOM 51  N N2     . DG A 1 2  ? 5.125   2.175   2.944   1.00 0.00 ? 2  DG A N2     1 
ATOM 52  N N3     . DG A 1 2  ? 6.185   3.184   1.152   1.00 0.00 ? 2  DG A N3     1 
ATOM 53  C C4     . DG A 1 2  ? 6.574   2.959   -0.124  1.00 0.00 ? 2  DG A C4     1 
ATOM 54  H "H5'"  . DG A 1 2  ? 7.607   8.175   -3.446  1.00 0.00 ? 2  DG A "H5'"  1 
ATOM 55  H "H5''" . DG A 1 2  ? 9.302   8.446   -2.999  1.00 0.00 ? 2  DG A "H5''" 1 
ATOM 56  H "H4'"  . DG A 1 2  ? 7.800   8.116   -1.037  1.00 0.00 ? 2  DG A "H4'"  1 
ATOM 57  H "H3'"  . DG A 1 2  ? 10.299  6.783   -1.578  1.00 0.00 ? 2  DG A "H3'"  1 
ATOM 58  H "H2'"  . DG A 1 2  ? 9.613   4.647   -1.205  1.00 0.00 ? 2  DG A "H2'"  1 
ATOM 59  H "H2''" . DG A 1 2  ? 9.491   5.136   0.507   1.00 0.00 ? 2  DG A "H2''" 1 
ATOM 60  H "H1'"  . DG A 1 2  ? 7.218   5.491   0.381   1.00 0.00 ? 2  DG A "H1'"  1 
ATOM 61  H H8     . DG A 1 2  ? 7.900   3.620   -2.949  1.00 0.00 ? 2  DG A H8     1 
ATOM 62  H H1     . DG A 1 2  ? 4.885   0.182   1.489   1.00 0.00 ? 2  DG A H1     1 
ATOM 63  H H21    . DG A 1 2  ? 4.662   1.373   3.348   1.00 0.00 ? 2  DG A H21    1 
ATOM 64  H H22    . DG A 1 2  ? 5.252   3.014   3.492   1.00 0.00 ? 2  DG A H22    1 
ATOM 65  P P      . DA A 1 3  ? 11.102  7.515   1.032   1.00 0.00 ? 3  DA A P      1 
ATOM 66  O OP1    . DA A 1 3  ? 11.786  8.815   0.847   1.00 0.00 ? 3  DA A OP1    1 
ATOM 67  O OP2    . DA A 1 3  ? 11.790  6.258   0.662   1.00 0.00 ? 3  DA A OP2    1 
ATOM 68  O "O5'"  . DA A 1 3  ? 10.634  7.403   2.570   1.00 0.00 ? 3  DA A "O5'"  1 
ATOM 69  C "C5'"  . DA A 1 3  ? 9.446   6.682   2.909   1.00 0.00 ? 3  DA A "C5'"  1 
ATOM 70  C "C4'"  . DA A 1 3  ? 8.569   7.450   3.890   1.00 0.00 ? 3  DA A "C4'"  1 
ATOM 71  O "O4'"  . DA A 1 3  ? 7.525   8.169   3.178   1.00 0.00 ? 3  DA A "O4'"  1 
ATOM 72  C "C3'"  . DA A 1 3  ? 7.892   6.505   4.867   1.00 0.00 ? 3  DA A "C3'"  1 
ATOM 73  O "O3'"  . DA A 1 3  ? 8.608   6.467   6.099   1.00 0.00 ? 3  DA A "O3'"  1 
ATOM 74  C "C2'"  . DA A 1 3  ? 6.523   7.050   5.048   1.00 0.00 ? 3  DA A "C2'"  1 
ATOM 75  C "C1'"  . DA A 1 3  ? 6.250   7.843   3.789   1.00 0.00 ? 3  DA A "C1'"  1 
ATOM 76  N N9     . DA A 1 3  ? 5.415   7.089   2.820   1.00 0.00 ? 3  DA A N9     1 
ATOM 77  C C8     . DA A 1 3  ? 4.859   5.846   2.896   1.00 0.00 ? 3  DA A C8     1 
ATOM 78  N N7     . DA A 1 3  ? 4.199   5.424   1.871   1.00 0.00 ? 3  DA A N7     1 
ATOM 79  C C5     . DA A 1 3  ? 4.320   6.502   0.994   1.00 0.00 ? 3  DA A C5     1 
ATOM 80  C C6     . DA A 1 3  ? 3.848   6.722   -0.302  1.00 0.00 ? 3  DA A C6     1 
ATOM 81  N N6     . DA A 1 3  ? 3.124   5.829   -0.975  1.00 0.00 ? 3  DA A N6     1 
ATOM 82  N N1     . DA A 1 3  ? 4.150   7.895   -0.879  1.00 0.00 ? 3  DA A N1     1 
ATOM 83  C C2     . DA A 1 3  ? 4.874   8.802   -0.224  1.00 0.00 ? 3  DA A C2     1 
ATOM 84  N N3     . DA A 1 3  ? 5.372   8.700   1.004   1.00 0.00 ? 3  DA A N3     1 
ATOM 85  C C4     . DA A 1 3  ? 5.056   7.516   1.562   1.00 0.00 ? 3  DA A C4     1 
ATOM 86  H "H5'"  . DA A 1 3  ? 9.723   5.724   3.350   1.00 0.00 ? 3  DA A "H5'"  1 
ATOM 87  H "H5''" . DA A 1 3  ? 8.872   6.503   2.003   1.00 0.00 ? 3  DA A "H5''" 1 
ATOM 88  H "H4'"  . DA A 1 3  ? 9.173   8.165   4.442   1.00 0.00 ? 3  DA A "H4'"  1 
ATOM 89  H "H3'"  . DA A 1 3  ? 7.835   5.504   4.434   1.00 0.00 ? 3  DA A "H3'"  1 
ATOM 90  H "H2'"  . DA A 1 3  ? 5.806   6.254   5.180   1.00 0.00 ? 3  DA A "H2'"  1 
ATOM 91  H "H2''" . DA A 1 3  ? 6.496   7.709   5.909   1.00 0.00 ? 3  DA A "H2''" 1 
ATOM 92  H "H1'"  . DA A 1 3  ? 5.746   8.762   4.059   1.00 0.00 ? 3  DA A "H1'"  1 
ATOM 93  H H8     . DA A 1 3  ? 4.976   5.219   3.773   1.00 0.00 ? 3  DA A H8     1 
ATOM 94  H H61    . DA A 1 3  ? 2.806   6.040   -1.909  1.00 0.00 ? 3  DA A H61    1 
ATOM 95  H H62    . DA A 1 3  ? 2.893   4.942   -0.550  1.00 0.00 ? 3  DA A H62    1 
ATOM 96  H H2     . DA A 1 3  ? 5.083   9.726   -0.754  1.00 0.00 ? 3  DA A H2     1 
ATOM 97  P P      . DG A 1 4  ? 8.288   5.299   7.151   1.00 0.00 ? 4  DG A P      1 
ATOM 98  O OP1    . DG A 1 4  ? 8.491   5.834   8.516   1.00 0.00 ? 4  DG A OP1    1 
ATOM 99  O OP2    . DG A 1 4  ? 9.004   4.076   6.722   1.00 0.00 ? 4  DG A OP2    1 
ATOM 100 O "O5'"  . DG A 1 4  ? 6.709   5.068   6.926   1.00 0.00 ? 4  DG A "O5'"  1 
ATOM 101 C "C5'"  . DG A 1 4  ? 5.799   5.275   8.007   1.00 0.00 ? 4  DG A "C5'"  1 
ATOM 102 C "C4'"  . DG A 1 4  ? 4.898   4.062   8.228   1.00 0.00 ? 4  DG A "C4'"  1 
ATOM 103 O "O4'"  . DG A 1 4  ? 3.740   4.095   7.354   1.00 0.00 ? 4  DG A "O4'"  1 
ATOM 104 C "C3'"  . DG A 1 4  ? 5.660   2.768   7.964   1.00 0.00 ? 4  DG A "C3'"  1 
ATOM 105 O "O3'"  . DG A 1 4  ? 5.819   2.051   9.190   1.00 0.00 ? 4  DG A "O3'"  1 
ATOM 106 C "C2'"  . DG A 1 4  ? 4.826   2.000   6.977   1.00 0.00 ? 4  DG A "C2'"  1 
ATOM 107 C "C1'"  . DG A 1 4  ? 3.518   2.751   6.871   1.00 0.00 ? 4  DG A "C1'"  1 
ATOM 108 N N9     . DG A 1 4  ? 3.024   2.792   5.483   1.00 0.00 ? 4  DG A N9     1 
ATOM 109 C C8     . DG A 1 4  ? 2.885   3.860   4.665   1.00 0.00 ? 4  DG A C8     1 
ATOM 110 N N7     . DG A 1 4  ? 2.376   3.661   3.497   1.00 0.00 ? 4  DG A N7     1 
ATOM 111 C C5     . DG A 1 4  ? 2.139   2.285   3.521   1.00 0.00 ? 4  DG A C5     1 
ATOM 112 C C6     . DG A 1 4  ? 1.583   1.445   2.523   1.00 0.00 ? 4  DG A C6     1 
ATOM 113 O O6     . DG A 1 4  ? 1.185   1.755   1.402   1.00 0.00 ? 4  DG A O6     1 
ATOM 114 N N1     . DG A 1 4  ? 1.520   0.124   2.942   1.00 0.00 ? 4  DG A N1     1 
ATOM 115 C C2     . DG A 1 4  ? 1.938   -0.342  4.171   1.00 0.00 ? 4  DG A C2     1 
ATOM 116 N N2     . DG A 1 4  ? 1.803   -1.653  4.372   1.00 0.00 ? 4  DG A N2     1 
ATOM 117 N N3     . DG A 1 4  ? 2.464   0.443   5.123   1.00 0.00 ? 4  DG A N3     1 
ATOM 118 C C4     . DG A 1 4  ? 2.535   1.740   4.735   1.00 0.00 ? 4  DG A C4     1 
ATOM 119 H "H5'"  . DG A 1 4  ? 5.175   6.141   7.777   1.00 0.00 ? 4  DG A "H5'"  1 
ATOM 120 H "H5''" . DG A 1 4  ? 6.363   5.474   8.914   1.00 0.00 ? 4  DG A "H5''" 1 
ATOM 121 H "H4'"  . DG A 1 4  ? 4.557   4.064   9.263   1.00 0.00 ? 4  DG A "H4'"  1 
ATOM 122 H "H3'"  . DG A 1 4  ? 6.634   2.993   7.527   1.00 0.00 ? 4  DG A "H3'"  1 
ATOM 123 H "H2'"  . DG A 1 4  ? 5.322   1.972   6.007   1.00 0.00 ? 4  DG A "H2'"  1 
ATOM 124 H "H2''" . DG A 1 4  ? 4.650   0.988   7.339   1.00 0.00 ? 4  DG A "H2''" 1 
ATOM 125 H "H1'"  . DG A 1 4  ? 2.773   2.263   7.499   1.00 0.00 ? 4  DG A "H1'"  1 
ATOM 126 H H8     . DG A 1 4  ? 3.196   4.855   4.983   1.00 0.00 ? 4  DG A H8     1 
ATOM 127 H H1     . DG A 1 4  ? 1.132   -0.532  2.280   1.00 0.00 ? 4  DG A H1     1 
ATOM 128 H H21    . DG A 1 4  ? 1.406   -2.235  3.649   1.00 0.00 ? 4  DG A H21    1 
ATOM 129 H H22    . DG A 1 4  ? 2.099   -2.066  5.241   1.00 0.00 ? 4  DG A H22    1 
ATOM 130 P P      . DG A 1 5  ? 7.067   1.057   9.402   1.00 0.00 ? 5  DG A P      1 
ATOM 131 O OP1    . DG A 1 5  ? 7.714   1.395   10.689  1.00 0.00 ? 5  DG A OP1    1 
ATOM 132 O OP2    . DG A 1 5  ? 7.865   1.041   8.155   1.00 0.00 ? 5  DG A OP2    1 
ATOM 133 O "O5'"  . DG A 1 5  ? 6.344   -0.371  9.557   1.00 0.00 ? 5  DG A "O5'"  1 
ATOM 134 C "C5'"  . DG A 1 5  ? 5.058   -0.457  10.173  1.00 0.00 ? 5  DG A "C5'"  1 
ATOM 135 C "C4'"  . DG A 1 5  ? 4.335   -1.743  9.792   1.00 0.00 ? 5  DG A "C4'"  1 
ATOM 136 O "O4'"  . DG A 1 5  ? 3.752   -1.625  8.463   1.00 0.00 ? 5  DG A "O4'"  1 
ATOM 137 C "C3'"  . DG A 1 5  ? 5.296   -2.925  9.783   1.00 0.00 ? 5  DG A "C3'"  1 
ATOM 138 O "O3'"  . DG A 1 5  ? 4.743   -3.963  10.599  1.00 0.00 ? 5  DG A "O3'"  1 
ATOM 139 C "C2'"  . DG A 1 5  ? 5.393   -3.354  8.353   1.00 0.00 ? 5  DG A "C2'"  1 
ATOM 140 C "C1'"  . DG A 1 5  ? 4.166   -2.778  7.695   1.00 0.00 ? 5  DG A "C1'"  1 
ATOM 141 N N9     . DG A 1 5  ? 4.426   -2.407  6.294   1.00 0.00 ? 5  DG A N9     1 
ATOM 142 C C8     . DG A 1 5  ? 5.163   -1.388  5.792   1.00 0.00 ? 5  DG A C8     1 
ATOM 143 N N7     . DG A 1 5  ? 5.186   -1.245  4.507   1.00 0.00 ? 5  DG A N7     1 
ATOM 144 C C5     . DG A 1 5  ? 4.363   -2.299  4.088   1.00 0.00 ? 5  DG A C5     1 
ATOM 145 C C6     . DG A 1 5  ? 3.976   -2.690  2.776   1.00 0.00 ? 5  DG A C6     1 
ATOM 146 O O6     . DG A 1 5  ? 4.288   -2.179  1.704   1.00 0.00 ? 5  DG A O6     1 
ATOM 147 N N1     . DG A 1 5  ? 3.138   -3.800  2.803   1.00 0.00 ? 5  DG A N1     1 
ATOM 148 C C2     . DG A 1 5  ? 2.724   -4.457  3.943   1.00 0.00 ? 5  DG A C2     1 
ATOM 149 N N2     . DG A 1 5  ? 1.933   -5.513  3.760   1.00 0.00 ? 5  DG A N2     1 
ATOM 150 N N3     . DG A 1 5  ? 3.084   -4.095  5.178   1.00 0.00 ? 5  DG A N3     1 
ATOM 151 C C4     . DG A 1 5  ? 3.898   -3.014  5.179   1.00 0.00 ? 5  DG A C4     1 
ATOM 152 H "H5'"  . DG A 1 5  ? 4.457   0.395   9.855   1.00 0.00 ? 5  DG A "H5'"  1 
ATOM 153 H "H5''" . DG A 1 5  ? 5.180   -0.425  11.254  1.00 0.00 ? 5  DG A "H5''" 1 
ATOM 154 H "H4'"  . DG A 1 5  ? 3.540   -1.933  10.512  1.00 0.00 ? 5  DG A "H4'"  1 
ATOM 155 H "H3'"  . DG A 1 5  ? 6.276   -2.623  10.157  1.00 0.00 ? 5  DG A "H3'"  1 
ATOM 156 H "H2'"  . DG A 1 5  ? 6.293   -2.943  7.897   1.00 0.00 ? 5  DG A "H2'"  1 
ATOM 157 H "H2''" . DG A 1 5  ? 5.394   -4.439  8.278   1.00 0.00 ? 5  DG A "H2''" 1 
ATOM 158 H "H1'"  . DG A 1 5  ? 3.374   -3.522  7.721   1.00 0.00 ? 5  DG A "H1'"  1 
ATOM 159 H H8     . DG A 1 5  ? 5.714   -0.714  6.448   1.00 0.00 ? 5  DG A H8     1 
ATOM 160 H H1     . DG A 1 5  ? 2.805   -4.129  1.906   1.00 0.00 ? 5  DG A H1     1 
ATOM 161 H H21    . DG A 1 5  ? 1.662   -5.786  2.826   1.00 0.00 ? 5  DG A H21    1 
ATOM 162 H H22    . DG A 1 5  ? 1.603   -6.040  4.556   1.00 0.00 ? 5  DG A H22    1 
ATOM 163 P P      . DA A 1 6  ? 5.631   -5.211  11.081  1.00 0.00 ? 6  DA A P      1 
ATOM 164 O OP1    . DA A 1 6  ? 5.972   -5.017  12.508  1.00 0.00 ? 6  DA A OP1    1 
ATOM 165 O OP2    . DA A 1 6  ? 6.704   -5.430  10.087  1.00 0.00 ? 6  DA A OP2    1 
ATOM 166 O "O5'"  . DA A 1 6  ? 4.584   -6.431  10.973  1.00 0.00 ? 6  DA A "O5'"  1 
ATOM 167 C "C5'"  . DA A 1 6  ? 3.710   -6.537  9.843   1.00 0.00 ? 6  DA A "C5'"  1 
ATOM 168 C "C4'"  . DA A 1 6  ? 2.242   -6.533  10.253  1.00 0.00 ? 6  DA A "C4'"  1 
ATOM 169 O "O4'"  . DA A 1 6  ? 1.783   -5.182  10.553  1.00 0.00 ? 6  DA A "O4'"  1 
ATOM 170 C "C3'"  . DA A 1 6  ? 1.375   -7.065  9.128   1.00 0.00 ? 6  DA A "C3'"  1 
ATOM 171 O "O3'"  . DA A 1 6  ? 1.088   -8.445  9.329   1.00 0.00 ? 6  DA A "O3'"  1 
ATOM 172 C "C2'"  . DA A 1 6  ? 0.134   -6.240  9.154   1.00 0.00 ? 6  DA A "C2'"  1 
ATOM 173 C "C1'"  . DA A 1 6  ? 0.517   -4.964  9.865   1.00 0.00 ? 6  DA A "C1'"  1 
ATOM 174 N N9     . DA A 1 6  ? 0.639   -3.852  8.898   1.00 0.00 ? 6  DA A N9     1 
ATOM 175 C C8     . DA A 1 6  ? 0.953   -3.875  7.576   1.00 0.00 ? 6  DA A C8     1 
ATOM 176 N N7     . DA A 1 6  ? 0.999   -2.746  6.954   1.00 0.00 ? 6  DA A N7     1 
ATOM 177 C C5     . DA A 1 6  ? 0.679   -1.849  7.976   1.00 0.00 ? 6  DA A C5     1 
ATOM 178 C C6     . DA A 1 6  ? 0.550   -0.456  8.005   1.00 0.00 ? 6  DA A C6     1 
ATOM 179 N N6     . DA A 1 6  ? 0.737   0.314   6.935   1.00 0.00 ? 6  DA A N6     1 
ATOM 180 N N1     . DA A 1 6  ? 0.225   0.109   9.179   1.00 0.00 ? 6  DA A N1     1 
ATOM 181 C C2     . DA A 1 6  ? 0.036   -0.645  10.263  1.00 0.00 ? 6  DA A C2     1 
ATOM 182 N N3     . DA A 1 6  ? 0.131   -1.969  10.348  1.00 0.00 ? 6  DA A N3     1 
ATOM 183 C C4     . DA A 1 6  ? 0.458   -2.513  9.161   1.00 0.00 ? 6  DA A C4     1 
ATOM 184 H "H5'"  . DA A 1 6  ? 3.928   -7.464  9.311   1.00 0.00 ? 6  DA A "H5'"  1 
ATOM 185 H "H5''" . DA A 1 6  ? 3.890   -5.696  9.176   1.00 0.00 ? 6  DA A "H5''" 1 
ATOM 186 H "H4'"  . DA A 1 6  ? 2.112   -7.158  11.136  1.00 0.00 ? 6  DA A "H4'"  1 
ATOM 187 H "H3'"  . DA A 1 6  ? 1.888   -6.925  8.174   1.00 0.00 ? 6  DA A "H3'"  1 
ATOM 188 H "H2'"  . DA A 1 6  ? -0.206  -6.028  8.142   1.00 0.00 ? 6  DA A "H2'"  1 
ATOM 189 H "H2''" . DA A 1 6  ? -0.646  -6.758  9.711   1.00 0.00 ? 6  DA A "H2''" 1 
ATOM 190 H "H1'"  . DA A 1 6  ? -0.253  -4.719  10.594  1.00 0.00 ? 6  DA A "H1'"  1 
ATOM 191 H H8     . DA A 1 6  ? 1.178   -4.809  7.061   1.00 0.00 ? 6  DA A H8     1 
ATOM 192 H H61    . DA A 1 6  ? 0.631   1.316   7.008   1.00 0.00 ? 6  DA A H61    1 
ATOM 193 H H62    . DA A 1 6  ? 0.982   -0.103  6.049   1.00 0.00 ? 6  DA A H62    1 
ATOM 194 H H2     . DA A 1 6  ? -0.221  -0.120  11.181  1.00 0.00 ? 6  DA A H2     1 
ATOM 195 P P      . DG A 1 7  ? 0.492   -9.297  8.107   1.00 0.00 ? 7  DG A P      1 
ATOM 196 O OP1    . DG A 1 7  ? -0.556  -10.199 8.634   1.00 0.00 ? 7  DG A OP1    1 
ATOM 197 O OP2    . DG A 1 7  ? 1.623   -9.850  7.329   1.00 0.00 ? 7  DG A OP2    1 
ATOM 198 O "O5'"  . DG A 1 7  ? -0.222  -8.153  7.221   1.00 0.00 ? 7  DG A "O5'"  1 
ATOM 199 C "C5'"  . DG A 1 7  ? -1.631  -8.198  6.999   1.00 0.00 ? 7  DG A "C5'"  1 
ATOM 200 C "C4'"  . DG A 1 7  ? -1.973  -8.106  5.517   1.00 0.00 ? 7  DG A "C4'"  1 
ATOM 201 O "O4'"  . DG A 1 7  ? -2.039  -6.725  5.075   1.00 0.00 ? 7  DG A "O4'"  1 
ATOM 202 C "C3'"  . DG A 1 7  ? -0.927  -8.827  4.671   1.00 0.00 ? 7  DG A "C3'"  1 
ATOM 203 O "O3'"  . DG A 1 7  ? -1.514  -9.983  4.068   1.00 0.00 ? 7  DG A "O3'"  1 
ATOM 204 C "C2'"  . DG A 1 7  ? -0.489  -7.828  3.639   1.00 0.00 ? 7  DG A "C2'"  1 
ATOM 205 C "C1'"  . DG A 1 7  ? -1.464  -6.681  3.754   1.00 0.00 ? 7  DG A "C1'"  1 
ATOM 206 N N9     . DG A 1 7  ? -0.799  -5.402  3.502   1.00 0.00 ? 7  DG A N9     1 
ATOM 207 C C8     . DG A 1 7  ? -0.339  -4.479  4.376   1.00 0.00 ? 7  DG A C8     1 
ATOM 208 N N7     . DG A 1 7  ? 0.217   -3.418  3.882   1.00 0.00 ? 7  DG A N7     1 
ATOM 209 C C5     . DG A 1 7  ? 0.120   -3.661  2.503   1.00 0.00 ? 7  DG A C5     1 
ATOM 210 C C6     . DG A 1 7  ? 0.549   -2.872  1.398   1.00 0.00 ? 7  DG A C6     1 
ATOM 211 O O6     . DG A 1 7  ? 1.112   -1.779  1.413   1.00 0.00 ? 7  DG A O6     1 
ATOM 212 N N1     . DG A 1 7  ? 0.254   -3.491  0.184   1.00 0.00 ? 7  DG A N1     1 
ATOM 213 C C2     . DG A 1 7  ? -0.374  -4.710  0.048   1.00 0.00 ? 7  DG A C2     1 
ATOM 214 N N2     . DG A 1 7  ? -0.579  -5.129  -1.200  1.00 0.00 ? 7  DG A N2     1 
ATOM 215 N N3     . DG A 1 7  ? -0.779  -5.454  1.078   1.00 0.00 ? 7  DG A N3     1 
ATOM 216 C C4     . DG A 1 7  ? -0.503  -4.875  2.269   1.00 0.00 ? 7  DG A C4     1 
ATOM 217 H "H5'"  . DG A 1 7  ? -2.094  -7.358  7.520   1.00 0.00 ? 7  DG A "H5'"  1 
ATOM 218 H "H5''" . DG A 1 7  ? -2.023  -9.128  7.400   1.00 0.00 ? 7  DG A "H5''" 1 
ATOM 219 H "H4'"  . DG A 1 7  ? -2.943  -8.573  5.351   1.00 0.00 ? 7  DG A "H4'"  1 
ATOM 220 H "H3'"  . DG A 1 7  ? -0.077  -9.113  5.294   1.00 0.00 ? 7  DG A "H3'"  1 
ATOM 221 H "H2'"  . DG A 1 7  ? 0.521   -7.482  3.859   1.00 0.00 ? 7  DG A "H2'"  1 
ATOM 222 H "H2''" . DG A 1 7  ? -0.527  -8.258  2.639   1.00 0.00 ? 7  DG A "H2''" 1 
ATOM 223 H "H1'"  . DG A 1 7  ? -2.258  -6.815  3.020   1.00 0.00 ? 7  DG A "H1'"  1 
ATOM 224 H H8     . DG A 1 7  ? -0.436  -4.629  5.455   1.00 0.00 ? 7  DG A H8     1 
ATOM 225 H H1     . DG A 1 7  ? 0.534   -2.997  -0.651  1.00 0.00 ? 7  DG A H1     1 
ATOM 226 H H21    . DG A 1 7  ? -0.272  -4.565  -1.980  1.00 0.00 ? 7  DG A H21    1 
ATOM 227 H H22    . DG A 1 7  ? -1.043  -6.010  -1.367  1.00 0.00 ? 7  DG A H22    1 
ATOM 228 P P      . DG A 1 8  ? -0.607  -11.265 3.713   1.00 0.00 ? 8  DG A P      1 
ATOM 229 O OP1    . DG A 1 8  ? -1.415  -12.483 3.949   1.00 0.00 ? 8  DG A OP1    1 
ATOM 230 O OP2    . DG A 1 8  ? 0.701   -11.106 4.385   1.00 0.00 ? 8  DG A OP2    1 
ATOM 231 O "O5'"  . DG A 1 8  ? -0.381  -11.107 2.127   1.00 0.00 ? 8  DG A "O5'"  1 
ATOM 232 C "C5'"  . DG A 1 8  ? -1.458  -11.339 1.214   1.00 0.00 ? 8  DG A "C5'"  1 
ATOM 233 C "C4'"  . DG A 1 8  ? -1.140  -10.799 -0.178  1.00 0.00 ? 8  DG A "C4'"  1 
ATOM 234 O "O4'"  . DG A 1 8  ? -0.792  -9.386  -0.118  1.00 0.00 ? 8  DG A "O4'"  1 
ATOM 235 C "C3'"  . DG A 1 8  ? 0.043   -11.547 -0.792  1.00 0.00 ? 8  DG A "C3'"  1 
ATOM 236 O "O3'"  . DG A 1 8  ? -0.364  -12.125 -2.032  1.00 0.00 ? 8  DG A "O3'"  1 
ATOM 237 C "C2'"  . DG A 1 8  ? 1.085   -10.504 -1.041  1.00 0.00 ? 8  DG A "C2'"  1 
ATOM 238 C "C1'"  . DG A 1 8  ? 0.336   -9.199  -0.996  1.00 0.00 ? 8  DG A "C1'"  1 
ATOM 239 N N9     . DG A 1 8  ? 1.201   -8.087  -0.560  1.00 0.00 ? 8  DG A N9     1 
ATOM 240 C C8     . DG A 1 8  ? 1.647   -7.750  0.675   1.00 0.00 ? 8  DG A C8     1 
ATOM 241 N N7     . DG A 1 8  ? 2.397   -6.700  0.774   1.00 0.00 ? 8  DG A N7     1 
ATOM 242 C C5     . DG A 1 8  ? 2.467   -6.275  -0.559  1.00 0.00 ? 8  DG A C5     1 
ATOM 243 C C6     . DG A 1 8  ? 3.146   -5.162  -1.134  1.00 0.00 ? 8  DG A C6     1 
ATOM 244 O O6     . DG A 1 8  ? 3.834   -4.314  -0.570  1.00 0.00 ? 8  DG A O6     1 
ATOM 245 N N1     . DG A 1 8  ? 2.952   -5.104  -2.511  1.00 0.00 ? 8  DG A N1     1 
ATOM 246 C C2     . DG A 1 8  ? 2.205   -6.001  -3.243  1.00 0.00 ? 8  DG A C2     1 
ATOM 247 N N2     . DG A 1 8  ? 2.151   -5.789  -4.551  1.00 0.00 ? 8  DG A N2     1 
ATOM 248 N N3     . DG A 1 8  ? 1.567   -7.043  -2.712  1.00 0.00 ? 8  DG A N3     1 
ATOM 249 C C4     . DG A 1 8  ? 1.738   -7.122  -1.377  1.00 0.00 ? 8  DG A C4     1 
ATOM 250 H "H5'"  . DG A 1 8  ? -2.354  -10.847 1.590   1.00 0.00 ? 8  DG A "H5'"  1 
ATOM 251 H "H5''" . DG A 1 8  ? -1.641  -12.412 1.146   1.00 0.00 ? 8  DG A "H5''" 1 
ATOM 252 H "H4'"  . DG A 1 8  ? -2.013  -10.924 -0.818  1.00 0.00 ? 8  DG A "H4'"  1 
ATOM 253 H "H3'"  . DG A 1 8  ? 0.414   -12.311 -0.108  1.00 0.00 ? 8  DG A "H3'"  1 
ATOM 254 H "H2'"  . DG A 1 8  ? 1.846   -10.533 -0.261  1.00 0.00 ? 8  DG A "H2'"  1 
ATOM 255 H "H2''" . DG A 1 8  ? 1.540   -10.647 -2.022  1.00 0.00 ? 8  DG A "H2''" 1 
ATOM 256 H "H1'"  . DG A 1 8  ? -0.040  -8.981  -1.996  1.00 0.00 ? 8  DG A "H1'"  1 
ATOM 257 H H8     . DG A 1 8  ? 1.386   -8.342  1.553   1.00 0.00 ? 8  DG A H8     1 
ATOM 258 H H1     . DG A 1 8  ? 3.395   -4.333  -2.996  1.00 0.00 ? 8  DG A H1     1 
ATOM 259 H H21    . DG A 1 8  ? 2.633   -5.000  -4.957  1.00 0.00 ? 8  DG A H21    1 
ATOM 260 H H22    . DG A 1 8  ? 1.627   -6.420  -5.141  1.00 0.00 ? 8  DG A H22    1 
ATOM 261 P P      . DA A 1 9  ? -1.328  -13.407 -2.102  1.00 0.00 ? 9  DA A P      1 
ATOM 262 O OP1    . DA A 1 9  ? -2.461  -13.196 -1.174  1.00 0.00 ? 9  DA A OP1    1 
ATOM 263 O OP2    . DA A 1 9  ? -0.495  -14.626 -1.995  1.00 0.00 ? 9  DA A OP2    1 
ATOM 264 O "O5'"  . DA A 1 9  ? -1.873  -13.292 -3.611  1.00 0.00 ? 9  DA A "O5'"  1 
ATOM 265 C "C5'"  . DA A 1 9  ? -1.221  -12.396 -4.518  1.00 0.00 ? 9  DA A "C5'"  1 
ATOM 266 C "C4'"  . DA A 1 9  ? -2.214  -11.656 -5.413  1.00 0.00 ? 9  DA A "C4'"  1 
ATOM 267 O "O4'"  . DA A 1 9  ? -3.346  -11.157 -4.641  1.00 0.00 ? 9  DA A "O4'"  1 
ATOM 268 C "C3'"  . DA A 1 9  ? -1.550  -10.457 -6.076  1.00 0.00 ? 9  DA A "C3'"  1 
ATOM 269 O "O3'"  . DA A 1 9  ? -1.141  -10.785 -7.402  1.00 0.00 ? 9  DA A "O3'"  1 
ATOM 270 C "C2'"  . DA A 1 9  ? -2.584  -9.394  -6.066  1.00 0.00 ? 9  DA A "C2'"  1 
ATOM 271 C "C1'"  . DA A 1 9  ? -3.457  -9.724  -4.875  1.00 0.00 ? 9  DA A "C1'"  1 
ATOM 272 N N9     . DA A 1 9  ? -3.041  -9.000  -3.643  1.00 0.00 ? 9  DA A N9     1 
ATOM 273 C C8     . DA A 1 9  ? -2.099  -8.030  -3.434  1.00 0.00 ? 9  DA A C8     1 
ATOM 274 N N7     . DA A 1 9  ? -1.912  -7.635  -2.220  1.00 0.00 ? 9  DA A N7     1 
ATOM 275 C C5     . DA A 1 9  ? -2.829  -8.419  -1.521  1.00 0.00 ? 9  DA A C5     1 
ATOM 276 C C6     . DA A 1 9  ? -3.155  -8.510  -0.164  1.00 0.00 ? 9  DA A C6     1 
ATOM 277 N N6     . DA A 1 9  ? -2.551  -7.791  0.778   1.00 0.00 ? 9  DA A N6     1 
ATOM 278 N N1     . DA A 1 9  ? -4.109  -9.386  0.187   1.00 0.00 ? 9  DA A N1     1 
ATOM 279 C C2     . DA A 1 9  ? -4.708  -10.134 -0.737  1.00 0.00 ? 9  DA A C2     1 
ATOM 280 N N3     . DA A 1 9  ? -4.477  -10.134 -2.046  1.00 0.00 ? 9  DA A N3     1 
ATOM 281 C C4     . DA A 1 9  ? -3.519  -9.246  -2.375  1.00 0.00 ? 9  DA A C4     1 
ATOM 282 H "H5'"  . DA A 1 9  ? -0.535  -12.963 -5.143  1.00 0.00 ? 9  DA A "H5'"  1 
ATOM 283 H "H5''" . DA A 1 9  ? -0.654  -11.666 -3.940  1.00 0.00 ? 9  DA A "H5''" 1 
ATOM 284 H "H4'"  . DA A 1 9  ? -2.579  -12.336 -6.182  1.00 0.00 ? 9  DA A "H4'"  1 
ATOM 285 H "H3'"  . DA A 1 9  ? -0.695  -10.131 -5.487  1.00 0.00 ? 9  DA A "H3'"  1 
ATOM 286 H "H2'"  . DA A 1 9  ? -2.130  -8.416  -5.970  1.00 0.00 ? 9  DA A "H2'"  1 
ATOM 287 H "H2''" . DA A 1 9  ? -3.172  -9.447  -6.982  1.00 0.00 ? 9  DA A "H2''" 1 
ATOM 288 H "H1'"  . DA A 1 9  ? -4.491  -9.473  -5.108  1.00 0.00 ? 9  DA A "H1'"  1 
ATOM 289 H H8     . DA A 1 9  ? -1.526  -7.597  -4.248  1.00 0.00 ? 9  DA A H8     1 
ATOM 290 H H61    . DA A 1 9  ? -2.826  -7.897  1.743   1.00 0.00 ? 9  DA A H61    1 
ATOM 291 H H62    . DA A 1 9  ? -1.818  -7.143  0.528   1.00 0.00 ? 9  DA A H62    1 
ATOM 292 H H2     . DA A 1 9  ? -5.479  -10.814 -0.384  1.00 0.00 ? 9  DA A H2     1 
ATOM 293 P P      . DG A 1 10 ? 0.006   -9.912  -8.116  1.00 0.00 ? 10 DG A P      1 
ATOM 294 O OP1    . DG A 1 10 ? -0.110  -10.102 -9.580  1.00 0.00 ? 10 DG A OP1    1 
ATOM 295 O OP2    . DG A 1 10 ? 1.291   -10.191 -7.437  1.00 0.00 ? 10 DG A OP2    1 
ATOM 296 O "O5'"  . DG A 1 10 ? -0.435  -8.402  -7.766  1.00 0.00 ? 10 DG A "O5'"  1 
ATOM 297 C "C5'"  . DG A 1 10 ? -1.036  -7.584  -8.771  1.00 0.00 ? 10 DG A "C5'"  1 
ATOM 298 C "C4'"  . DG A 1 10 ? -0.313  -6.247  -8.932  1.00 0.00 ? 10 DG A "C4'"  1 
ATOM 299 O "O4'"  . DG A 1 10 ? -0.772  -5.277  -7.952  1.00 0.00 ? 10 DG A "O4'"  1 
ATOM 300 C "C3'"  . DG A 1 10 ? 1.196   -6.415  -8.761  1.00 0.00 ? 10 DG A "C3'"  1 
ATOM 301 O "O3'"  . DG A 1 10 ? 1.849   -6.148  -10.005 1.00 0.00 ? 10 DG A "O3'"  1 
ATOM 302 C "C2'"  . DG A 1 10 ? 1.598   -5.424  -7.708  1.00 0.00 ? 10 DG A "C2'"  1 
ATOM 303 C "C1'"  . DG A 1 10 ? 0.387   -4.546  -7.495  1.00 0.00 ? 10 DG A "C1'"  1 
ATOM 304 N N9     . DG A 1 10 ? 0.250   -4.160  -6.083  1.00 0.00 ? 10 DG A N9     1 
ATOM 305 C C8     . DG A 1 10 ? -0.210  -4.870  -5.027  1.00 0.00 ? 10 DG A C8     1 
ATOM 306 N N7     . DG A 1 10 ? -0.261  -4.274  -3.882  1.00 0.00 ? 10 DG A N7     1 
ATOM 307 C C5     . DG A 1 10 ? 0.229   -3.003  -4.203  1.00 0.00 ? 10 DG A C5     1 
ATOM 308 C C6     . DG A 1 10 ? 0.425   -1.865  -3.378  1.00 0.00 ? 10 DG A C6     1 
ATOM 309 O O6     . DG A 1 10 ? 0.202   -1.745  -2.174  1.00 0.00 ? 10 DG A O6     1 
ATOM 310 N N1     . DG A 1 10 ? 0.938   -0.794  -4.102  1.00 0.00 ? 10 DG A N1     1 
ATOM 311 C C2     . DG A 1 10 ? 1.227   -0.812  -5.451  1.00 0.00 ? 10 DG A C2     1 
ATOM 312 N N2     . DG A 1 10 ? 1.735   0.308   -5.963  1.00 0.00 ? 10 DG A N2     1 
ATOM 313 N N3     . DG A 1 10 ? 1.043   -1.876  -6.233  1.00 0.00 ? 10 DG A N3     1 
ATOM 314 C C4     . DG A 1 10 ? 0.545   -2.931  -5.550  1.00 0.00 ? 10 DG A C4     1 
ATOM 315 H "H5'"  . DG A 1 10 ? -2.074  -7.394  -8.492  1.00 0.00 ? 10 DG A "H5'"  1 
ATOM 316 H "H5''" . DG A 1 10 ? -1.016  -8.118  -9.719  1.00 0.00 ? 10 DG A "H5''" 1 
ATOM 317 H "H4'"  . DG A 1 10 ? -0.512  -5.858  -9.931  1.00 0.00 ? 10 DG A "H4'"  1 
ATOM 318 H "H3'"  . DG A 1 10 ? 1.421   -7.428  -8.423  1.00 0.00 ? 10 DG A "H3'"  1 
ATOM 319 H "H2'"  . DG A 1 10 ? 1.846   -5.946  -6.790  1.00 0.00 ? 10 DG A "H2'"  1 
ATOM 320 H "H2''" . DG A 1 10 ? 2.446   -4.827  -8.038  1.00 0.00 ? 10 DG A "H2''" 1 
ATOM 321 H "H1'"  . DG A 1 10 ? 0.493   -3.641  -8.095  1.00 0.00 ? 10 DG A "H1'"  1 
ATOM 322 H H8     . DG A 1 10 ? -0.531  -5.903  -5.140  1.00 0.00 ? 10 DG A H8     1 
ATOM 323 H H1     . DG A 1 10 ? 1.092   0.057   -3.585  1.00 0.00 ? 10 DG A H1     1 
ATOM 324 H H21    . DG A 1 10 ? 1.876   1.113   -5.372  1.00 0.00 ? 10 DG A H21    1 
ATOM 325 H H22    . DG A 1 10 ? 1.980   0.351   -6.941  1.00 0.00 ? 10 DG A H22    1 
ATOM 326 P P      . DG A 1 11 ? 3.064   -7.079  -10.506 1.00 0.00 ? 11 DG A P      1 
ATOM 327 O OP1    . DG A 1 11 ? 2.958   -7.227  -11.974 1.00 0.00 ? 11 DG A OP1    1 
ATOM 328 O OP2    . DG A 1 11 ? 3.110   -8.283  -9.646  1.00 0.00 ? 11 DG A OP2    1 
ATOM 329 O "O5'"  . DG A 1 11 ? 4.358   -6.178  -10.180 1.00 0.00 ? 11 DG A "O5'"  1 
ATOM 330 C "C5'"  . DG A 1 11 ? 4.367   -4.780  -10.487 1.00 0.00 ? 11 DG A "C5'"  1 
ATOM 331 C "C4'"  . DG A 1 11 ? 5.547   -4.069  -9.828  1.00 0.00 ? 11 DG A "C4'"  1 
ATOM 332 O "O4'"  . DG A 1 11 ? 5.088   -3.167  -8.780  1.00 0.00 ? 11 DG A "O4'"  1 
ATOM 333 C "C3'"  . DG A 1 11 ? 6.506   -5.074  -9.199  1.00 0.00 ? 11 DG A "C3'"  1 
ATOM 334 O "O3'"  . DG A 1 11 ? 7.759   -5.024  -9.889  1.00 0.00 ? 11 DG A "O3'"  1 
ATOM 335 C "C2'"  . DG A 1 11 ? 6.655   -4.662  -7.767  1.00 0.00 ? 11 DG A "C2'"  1 
ATOM 336 C "C1'"  . DG A 1 11 ? 5.981   -3.315  -7.650  1.00 0.00 ? 11 DG A "C1'"  1 
ATOM 337 N N9     . DG A 1 11 ? 5.238   -3.208  -6.381  1.00 0.00 ? 11 DG A N9     1 
ATOM 338 C C8     . DG A 1 11 ? 4.295   -4.031  -5.860  1.00 0.00 ? 11 DG A C8     1 
ATOM 339 N N7     . DG A 1 11 ? 3.784   -3.710  -4.718  1.00 0.00 ? 11 DG A N7     1 
ATOM 340 C C5     . DG A 1 11 ? 4.462   -2.523  -4.427  1.00 0.00 ? 11 DG A C5     1 
ATOM 341 C C6     . DG A 1 11 ? 4.351   -1.667  -3.298  1.00 0.00 ? 11 DG A C6     1 
ATOM 342 O O6     . DG A 1 11 ? 3.623   -1.792  -2.316  1.00 0.00 ? 11 DG A O6     1 
ATOM 343 N N1     . DG A 1 11 ? 5.211   -0.579  -3.395  1.00 0.00 ? 11 DG A N1     1 
ATOM 344 C C2     . DG A 1 11 ? 6.075   -0.341  -4.446  1.00 0.00 ? 11 DG A C2     1 
ATOM 345 N N2     . DG A 1 11 ? 6.826   0.756   -4.354  1.00 0.00 ? 11 DG A N2     1 
ATOM 346 N N3     . DG A 1 11 ? 6.185   -1.141  -5.512  1.00 0.00 ? 11 DG A N3     1 
ATOM 347 C C4     . DG A 1 11 ? 5.355   -2.208  -5.439  1.00 0.00 ? 11 DG A C4     1 
ATOM 348 H "H5'"  . DG A 1 11 ? 3.438   -4.332  -10.133 1.00 0.00 ? 11 DG A "H5'"  1 
ATOM 349 H "H5''" . DG A 1 11 ? 4.435   -4.655  -11.567 1.00 0.00 ? 11 DG A "H5''" 1 
ATOM 350 H "H4'"  . DG A 1 11 ? 6.081   -3.491  -10.583 1.00 0.00 ? 11 DG A "H4'"  1 
ATOM 351 H "H3'"  . DG A 1 11 ? 6.083   -6.079  -9.255  1.00 0.00 ? 11 DG A "H3'"  1 
ATOM 352 H "H2'"  . DG A 1 11 ? 6.163   -5.385  -7.115  1.00 0.00 ? 11 DG A "H2'"  1 
ATOM 353 H "H2''" . DG A 1 11 ? 7.710   -4.578  -7.507  1.00 0.00 ? 11 DG A "H2''" 1 
ATOM 354 H "H1'"  . DG A 1 11 ? 6.737   -2.532  -7.686  1.00 0.00 ? 11 DG A "H1'"  1 
ATOM 355 H H8     . DG A 1 11 ? 3.979   -4.931  -6.385  1.00 0.00 ? 11 DG A H8     1 
ATOM 356 H H1     . DG A 1 11 ? 5.182   0.078   -2.627  1.00 0.00 ? 11 DG A H1     1 
ATOM 357 H H21    . DG A 1 11 ? 6.743   1.361   -3.550  1.00 0.00 ? 11 DG A H21    1 
ATOM 358 H H22    . DG A 1 11 ? 7.481   0.982   -5.090  1.00 0.00 ? 11 DG A H22    1 
ATOM 359 P P      . DA A 1 12 ? 8.770   -6.278  -9.850  1.00 0.00 ? 12 DA A P      1 
ATOM 360 O OP1    . DA A 1 12 ? 8.976   -6.751  -11.238 1.00 0.00 ? 12 DA A OP1    1 
ATOM 361 O OP2    . DA A 1 12 ? 8.297   -7.222  -8.811  1.00 0.00 ? 12 DA A OP2    1 
ATOM 362 O "O5'"  . DA A 1 12 ? 10.141  -5.609  -9.336  1.00 0.00 ? 12 DA A "O5'"  1 
ATOM 363 C "C5'"  . DA A 1 12 ? 10.326  -4.191  -9.395  1.00 0.00 ? 12 DA A "C5'"  1 
ATOM 364 C "C4'"  . DA A 1 12 ? 10.871  -3.643  -8.080  1.00 0.00 ? 12 DA A "C4'"  1 
ATOM 365 O "O4'"  . DA A 1 12 ? 9.788   -3.303  -7.175  1.00 0.00 ? 12 DA A "O4'"  1 
ATOM 366 C "C3'"  . DA A 1 12 ? 11.745  -4.680  -7.386  1.00 0.00 ? 12 DA A "C3'"  1 
ATOM 367 O "O3'"  . DA A 1 12 ? 13.131  -4.350  -7.518  1.00 0.00 ? 12 DA A "O3'"  1 
ATOM 368 C "C2'"  . DA A 1 12 ? 11.325  -4.672  -5.946  1.00 0.00 ? 12 DA A "C2'"  1 
ATOM 369 C "C1'"  . DA A 1 12 ? 10.208  -3.657  -5.836  1.00 0.00 ? 12 DA A "C1'"  1 
ATOM 370 N N9     . DA A 1 12 ? 9.078   -4.212  -5.067  1.00 0.00 ? 12 DA A N9     1 
ATOM 371 C C8     . DA A 1 12 ? 8.423   -5.389  -5.218  1.00 0.00 ? 12 DA A C8     1 
ATOM 372 N N7     . DA A 1 12 ? 7.451   -5.640  -4.406  1.00 0.00 ? 12 DA A N7     1 
ATOM 373 C C5     . DA A 1 12 ? 7.449   -4.492  -3.607  1.00 0.00 ? 12 DA A C5     1 
ATOM 374 C C6     . DA A 1 12 ? 6.657   -4.092  -2.525  1.00 0.00 ? 12 DA A C6     1 
ATOM 375 N N6     . DA A 1 12 ? 5.661   -4.832  -2.036  1.00 0.00 ? 12 DA A N6     1 
ATOM 376 N N1     . DA A 1 12 ? 6.927   -2.897  -1.969  1.00 0.00 ? 12 DA A N1     1 
ATOM 377 C C2     . DA A 1 12 ? 7.914   -2.139  -2.446  1.00 0.00 ? 12 DA A C2     1 
ATOM 378 N N3     . DA A 1 12 ? 8.724   -2.418  -3.463  1.00 0.00 ? 12 DA A N3     1 
ATOM 379 C C4     . DA A 1 12 ? 8.436   -3.619  -4.003  1.00 0.00 ? 12 DA A C4     1 
ATOM 380 H "H5'"  . DA A 1 12 ? 9.370   -3.715  -9.610  1.00 0.00 ? 12 DA A "H5'"  1 
ATOM 381 H "H5''" . DA A 1 12 ? 11.028  -3.957  -10.196 1.00 0.00 ? 12 DA A "H5''" 1 
ATOM 382 H "H4'"  . DA A 1 12 ? 11.462  -2.750  -8.280  1.00 0.00 ? 12 DA A "H4'"  1 
ATOM 383 H "H3'"  . DA A 1 12 ? 11.554  -5.665  -7.816  1.00 0.00 ? 12 DA A "H3'"  1 
ATOM 384 H "HO3'" . DA A 1 12 ? 13.566  -5.102  -7.924  1.00 0.00 ? 12 DA A "HO3'" 1 
ATOM 385 H "H2'"  . DA A 1 12 ? 10.964  -5.658  -5.656  1.00 0.00 ? 12 DA A "H2'"  1 
ATOM 386 H "H2''" . DA A 1 12 ? 12.162  -4.377  -5.313  1.00 0.00 ? 12 DA A "H2''" 1 
ATOM 387 H "H1'"  . DA A 1 12 ? 10.578  -2.768  -5.329  1.00 0.00 ? 12 DA A "H1'"  1 
ATOM 388 H H8     . DA A 1 12 ? 8.706   -6.097  -5.997  1.00 0.00 ? 12 DA A H8     1 
ATOM 389 H H61    . DA A 1 12 ? 5.121   -4.496  -1.251  1.00 0.00 ? 12 DA A H61    1 
ATOM 390 H H62    . DA A 1 12 ? 5.449   -5.729  -2.449  1.00 0.00 ? 12 DA A H62    1 
ATOM 391 H H2     . DA A 1 12 ? 8.077   -1.184  -1.946  1.00 0.00 ? 12 DA A H2     1 
ATOM 392 O "O5'"  . DG B 1 1  ? -0.601  -0.882  -9.458  1.00 0.00 ? 13 DG B "O5'"  1 
ATOM 393 C "C5'"  . DG B 1 1  ? -1.174  -2.117  -9.894  1.00 0.00 ? 13 DG B "C5'"  1 
ATOM 394 C "C4'"  . DG B 1 1  ? -2.242  -2.614  -8.924  1.00 0.00 ? 13 DG B "C4'"  1 
ATOM 395 O "O4'"  . DG B 1 1  ? -1.814  -2.423  -7.539  1.00 0.00 ? 13 DG B "O4'"  1 
ATOM 396 C "C3'"  . DG B 1 1  ? -3.546  -1.846  -9.116  1.00 0.00 ? 13 DG B "C3'"  1 
ATOM 397 O "O3'"  . DG B 1 1  ? -4.608  -2.780  -9.330  1.00 0.00 ? 13 DG B "O3'"  1 
ATOM 398 C "C2'"  . DG B 1 1  ? -3.760  -1.083  -7.852  1.00 0.00 ? 13 DG B "C2'"  1 
ATOM 399 C "C1'"  . DG B 1 1  ? -2.890  -1.760  -6.832  1.00 0.00 ? 13 DG B "C1'"  1 
ATOM 400 N N9     . DG B 1 1  ? -2.381  -0.781  -5.862  1.00 0.00 ? 13 DG B N9     1 
ATOM 401 C C8     . DG B 1 1  ? -1.777  0.407   -6.075  1.00 0.00 ? 13 DG B C8     1 
ATOM 402 N N7     . DG B 1 1  ? -1.461  1.114   -5.040  1.00 0.00 ? 13 DG B N7     1 
ATOM 403 C C5     . DG B 1 1  ? -1.910  0.298   -3.995  1.00 0.00 ? 13 DG B C5     1 
ATOM 404 C C6     . DG B 1 1  ? -1.863  0.503   -2.590  1.00 0.00 ? 13 DG B C6     1 
ATOM 405 O O6     . DG B 1 1  ? -1.420  1.466   -1.973  1.00 0.00 ? 13 DG B O6     1 
ATOM 406 N N1     . DG B 1 1  ? -2.423  -0.564  -1.901  1.00 0.00 ? 13 DG B N1     1 
ATOM 407 C C2     . DG B 1 1  ? -2.961  -1.692  -2.485  1.00 0.00 ? 13 DG B C2     1 
ATOM 408 N N2     . DG B 1 1  ? -3.433  -2.622  -1.658  1.00 0.00 ? 13 DG B N2     1 
ATOM 409 N N3     . DG B 1 1  ? -3.011  -1.888  -3.802  1.00 0.00 ? 13 DG B N3     1 
ATOM 410 C C4     . DG B 1 1  ? -2.472  -0.864  -4.495  1.00 0.00 ? 13 DG B C4     1 
ATOM 411 H "H5'"  . DG B 1 1  ? -0.387  -2.867  -9.970  1.00 0.00 ? 13 DG B "H5'"  1 
ATOM 412 H "H5''" . DG B 1 1  ? -1.626  -1.973  -10.875 1.00 0.00 ? 13 DG B "H5''" 1 
ATOM 413 H "H4'"  . DG B 1 1  ? -2.421  -3.674  -9.098  1.00 0.00 ? 13 DG B "H4'"  1 
ATOM 414 H "H3'"  . DG B 1 1  ? -3.463  -1.162  -9.962  1.00 0.00 ? 13 DG B "H3'"  1 
ATOM 415 H "H2'"  . DG B 1 1  ? -3.450  -0.046  -7.982  1.00 0.00 ? 13 DG B "H2'"  1 
ATOM 416 H "H2''" . DG B 1 1  ? -4.798  -1.130  -7.551  1.00 0.00 ? 13 DG B "H2''" 1 
ATOM 417 H "H1'"  . DG B 1 1  ? -3.486  -2.504  -6.303  1.00 0.00 ? 13 DG B "H1'"  1 
ATOM 418 H H8     . DG B 1 1  ? -1.575  0.757   -7.085  1.00 0.00 ? 13 DG B H8     1 
ATOM 419 H H1     . DG B 1 1  ? -2.429  -0.486  -0.896  1.00 0.00 ? 13 DG B H1     1 
ATOM 420 H H21    . DG B 1 1  ? -3.399  -2.477  -0.660  1.00 0.00 ? 13 DG B H21    1 
ATOM 421 H H22    . DG B 1 1  ? -3.819  -3.479  -2.030  1.00 0.00 ? 13 DG B H22    1 
ATOM 422 H "HO5'" . DG B 1 1  ? -1.325  -0.268  -9.310  1.00 0.00 ? 13 DG B "HO5'" 1 
ATOM 423 P P      . DG B 1 2  ? -6.045  -2.292  -9.856  1.00 0.00 ? 14 DG B P      1 
ATOM 424 O OP1    . DG B 1 2  ? -6.285  -2.897  -11.187 1.00 0.00 ? 14 DG B OP1    1 
ATOM 425 O OP2    . DG B 1 2  ? -6.131  -0.824  -9.683  1.00 0.00 ? 14 DG B OP2    1 
ATOM 426 O "O5'"  . DG B 1 2  ? -7.042  -2.987  -8.796  1.00 0.00 ? 14 DG B "O5'"  1 
ATOM 427 C "C5'"  . DG B 1 2  ? -6.921  -4.384  -8.510  1.00 0.00 ? 14 DG B "C5'"  1 
ATOM 428 C "C4'"  . DG B 1 2  ? -7.009  -4.681  -7.013  1.00 0.00 ? 14 DG B "C4'"  1 
ATOM 429 O "O4'"  . DG B 1 2  ? -6.151  -3.791  -6.236  1.00 0.00 ? 14 DG B "O4'"  1 
ATOM 430 C "C3'"  . DG B 1 2  ? -8.437  -4.508  -6.499  1.00 0.00 ? 14 DG B "C3'"  1 
ATOM 431 O "O3'"  . DG B 1 2  ? -8.911  -5.778  -6.035  1.00 0.00 ? 14 DG B "O3'"  1 
ATOM 432 C "C2'"  . DG B 1 2  ? -8.349  -3.517  -5.378  1.00 0.00 ? 14 DG B "C2'"  1 
ATOM 433 C "C1'"  . DG B 1 2  ? -6.883  -3.450  -5.034  1.00 0.00 ? 14 DG B "C1'"  1 
ATOM 434 N N9     . DG B 1 2  ? -6.511  -2.114  -4.520  1.00 0.00 ? 14 DG B N9     1 
ATOM 435 C C8     . DG B 1 2  ? -6.327  -0.948  -5.183  1.00 0.00 ? 14 DG B C8     1 
ATOM 436 N N7     . DG B 1 2  ? -6.017  0.095   -4.489  1.00 0.00 ? 14 DG B N7     1 
ATOM 437 C C5     . DG B 1 2  ? -5.984  -0.422  -3.193  1.00 0.00 ? 14 DG B C5     1 
ATOM 438 C C6     . DG B 1 2  ? -5.699  0.228   -1.963  1.00 0.00 ? 14 DG B C6     1 
ATOM 439 O O6     . DG B 1 2  ? -5.414  1.408   -1.772  1.00 0.00 ? 14 DG B O6     1 
ATOM 440 N N1     . DG B 1 2  ? -5.771  -0.652  -0.892  1.00 0.00 ? 14 DG B N1     1 
ATOM 441 C C2     . DG B 1 2  ? -6.080  -1.996  -0.988  1.00 0.00 ? 14 DG B C2     1 
ATOM 442 N N2     . DG B 1 2  ? -6.102  -2.678  0.157   1.00 0.00 ? 14 DG B N2     1 
ATOM 443 N N3     . DG B 1 2  ? -6.350  -2.616  -2.142  1.00 0.00 ? 14 DG B N3     1 
ATOM 444 C C4     . DG B 1 2  ? -6.284  -1.777  -3.201  1.00 0.00 ? 14 DG B C4     1 
ATOM 445 H "H5'"  . DG B 1 2  ? -5.961  -4.738  -8.884  1.00 0.00 ? 14 DG B "H5'"  1 
ATOM 446 H "H5''" . DG B 1 2  ? -7.720  -4.920  -9.023  1.00 0.00 ? 14 DG B "H5''" 1 
ATOM 447 H "H4'"  . DG B 1 2  ? -6.694  -5.709  -6.839  1.00 0.00 ? 14 DG B "H4'"  1 
ATOM 448 H "H3'"  . DG B 1 2  ? -9.080  -4.126  -7.293  1.00 0.00 ? 14 DG B "H3'"  1 
ATOM 449 H "H2'"  . DG B 1 2  ? -8.701  -2.540  -5.713  1.00 0.00 ? 14 DG B "H2'"  1 
ATOM 450 H "H2''" . DG B 1 2  ? -8.929  -3.849  -4.521  1.00 0.00 ? 14 DG B "H2''" 1 
ATOM 451 H "H1'"  . DG B 1 2  ? -6.667  -4.200  -4.270  1.00 0.00 ? 14 DG B "H1'"  1 
ATOM 452 H H8     . DG B 1 2  ? -6.432  -0.890  -6.262  1.00 0.00 ? 14 DG B H8     1 
ATOM 453 H H1     . DG B 1 2  ? -5.576  -0.258  0.018   1.00 0.00 ? 14 DG B H1     1 
ATOM 454 H H21    . DG B 1 2  ? -5.899  -2.211  1.028   1.00 0.00 ? 14 DG B H21    1 
ATOM 455 H H22    . DG B 1 2  ? -6.325  -3.664  0.153   1.00 0.00 ? 14 DG B H22    1 
ATOM 456 P P      . DA B 1 3  ? -10.473 -6.031  -5.740  1.00 0.00 ? 15 DA B P      1 
ATOM 457 O OP1    . DA B 1 3  ? -10.972 -7.034  -6.708  1.00 0.00 ? 15 DA B OP1    1 
ATOM 458 O OP2    . DA B 1 3  ? -11.143 -4.717  -5.624  1.00 0.00 ? 15 DA B OP2    1 
ATOM 459 O "O5'"  . DA B 1 3  ? -10.437 -6.712  -4.279  1.00 0.00 ? 15 DA B "O5'"  1 
ATOM 460 C "C5'"  . DA B 1 3  ? -9.408  -6.361  -3.347  1.00 0.00 ? 15 DA B "C5'"  1 
ATOM 461 C "C4'"  . DA B 1 3  ? -8.808  -7.585  -2.668  1.00 0.00 ? 15 DA B "C4'"  1 
ATOM 462 O "O4'"  . DA B 1 3  ? -7.595  -7.996  -3.354  1.00 0.00 ? 15 DA B "O4'"  1 
ATOM 463 C "C3'"  . DA B 1 3  ? -8.443  -7.281  -1.226  1.00 0.00 ? 15 DA B "C3'"  1 
ATOM 464 O "O3'"  . DA B 1 3  ? -9.463  -7.745  -0.343  1.00 0.00 ? 15 DA B "O3'"  1 
ATOM 465 C "C2'"  . DA B 1 3  ? -7.157  -7.991  -1.002  1.00 0.00 ? 15 DA B "C2'"  1 
ATOM 466 C "C1'"  . DA B 1 3  ? -6.531  -8.078  -2.373  1.00 0.00 ? 15 DA B "C1'"  1 
ATOM 467 N N9     . DA B 1 3  ? -5.560  -6.983  -2.606  1.00 0.00 ? 15 DA B N9     1 
ATOM 468 C C8     . DA B 1 3  ? -5.171  -5.953  -1.802  1.00 0.00 ? 15 DA B C8     1 
ATOM 469 N N7     . DA B 1 3  ? -4.339  -5.098  -2.290  1.00 0.00 ? 15 DA B N7     1 
ATOM 470 C C5     . DA B 1 3  ? -4.140  -5.601  -3.576  1.00 0.00 ? 15 DA B C5     1 
ATOM 471 C C6     . DA B 1 3  ? -3.359  -5.166  -4.649  1.00 0.00 ? 15 DA B C6     1 
ATOM 472 N N6     . DA B 1 3  ? -2.604  -4.073  -4.600  1.00 0.00 ? 15 DA B N6     1 
ATOM 473 N N1     . DA B 1 3  ? -3.393  -5.894  -5.775  1.00 0.00 ? 15 DA B N1     1 
ATOM 474 C C2     . DA B 1 3  ? -4.150  -6.988  -5.845  1.00 0.00 ? 15 DA B C2     1 
ATOM 475 N N3     . DA B 1 3  ? -4.926  -7.493  -4.894  1.00 0.00 ? 15 DA B N3     1 
ATOM 476 C C4     . DA B 1 3  ? -4.875  -6.745  -3.775  1.00 0.00 ? 15 DA B C4     1 
ATOM 477 H "H5'"  . DA B 1 3  ? -9.823  -5.696  -2.589  1.00 0.00 ? 15 DA B "H5'"  1 
ATOM 478 H "H5''" . DA B 1 3  ? -8.613  -5.841  -3.879  1.00 0.00 ? 15 DA B "H5''" 1 
ATOM 479 H "H4'"  . DA B 1 3  ? -9.517  -8.407  -2.693  1.00 0.00 ? 15 DA B "H4'"  1 
ATOM 480 H "H3'"  . DA B 1 3  ? -8.295  -6.207  -1.101  1.00 0.00 ? 15 DA B "H3'"  1 
ATOM 481 H "H2'"  . DA B 1 3  ? -6.528  -7.450  -0.311  1.00 0.00 ? 15 DA B "H2'"  1 
ATOM 482 H "H2''" . DA B 1 3  ? -7.345  -8.989  -0.620  1.00 0.00 ? 15 DA B "H2''" 1 
ATOM 483 H "H1'"  . DA B 1 3  ? -6.034  -9.032  -2.476  1.00 0.00 ? 15 DA B "H1'"  1 
ATOM 484 H H8     . DA B 1 3  ? -5.555  -5.838  -0.794  1.00 0.00 ? 15 DA B H8     1 
ATOM 485 H H61    . DA B 1 3  ? -2.057  -3.801  -5.404  1.00 0.00 ? 15 DA B H61    1 
ATOM 486 H H62    . DA B 1 3  ? -2.576  -3.516  -3.758  1.00 0.00 ? 15 DA B H62    1 
ATOM 487 H H2     . DA B 1 3  ? -4.129  -7.527  -6.787  1.00 0.00 ? 15 DA B H2     1 
ATOM 488 P P      . DG B 1 4  ? -9.476  -7.235  1.181   1.00 0.00 ? 16 DG B P      1 
ATOM 489 O OP1    . DG B 1 4  ? -10.012 -8.320  2.031   1.00 0.00 ? 16 DG B OP1    1 
ATOM 490 O OP2    . DG B 1 4  ? -10.100 -5.892  1.215   1.00 0.00 ? 16 DG B OP2    1 
ATOM 491 O "O5'"  . DG B 1 4  ? -7.903  -7.071  1.498   1.00 0.00 ? 16 DG B "O5'"  1 
ATOM 492 C "C5'"  . DG B 1 4  ? -7.289  -7.875  2.506   1.00 0.00 ? 16 DG B "C5'"  1 
ATOM 493 C "C4'"  . DG B 1 4  ? -6.549  -7.023  3.537   1.00 0.00 ? 16 DG B "C4'"  1 
ATOM 494 O "O4'"  . DG B 1 4  ? -5.214  -6.677  3.077   1.00 0.00 ? 16 DG B "O4'"  1 
ATOM 495 C "C3'"  . DG B 1 4  ? -7.307  -5.729  3.815   1.00 0.00 ? 16 DG B "C3'"  1 
ATOM 496 O "O3'"  . DG B 1 4  ? -7.765  -5.734  5.170   1.00 0.00 ? 16 DG B "O3'"  1 
ATOM 497 C "C2'"  . DG B 1 4  ? -6.326  -4.618  3.568   1.00 0.00 ? 16 DG B "C2'"  1 
ATOM 498 C "C1'"  . DG B 1 4  ? -4.980  -5.286  3.403   1.00 0.00 ? 16 DG B "C1'"  1 
ATOM 499 N N9     . DG B 1 4  ? -4.179  -4.650  2.339   1.00 0.00 ? 16 DG B N9     1 
ATOM 500 C C8     . DG B 1 4  ? -3.794  -5.164  1.147   1.00 0.00 ? 16 DG B C8     1 
ATOM 501 N N7     . DG B 1 4  ? -3.027  -4.447  0.402   1.00 0.00 ? 16 DG B N7     1 
ATOM 502 C C5     . DG B 1 4  ? -2.870  -3.297  1.178   1.00 0.00 ? 16 DG B C5     1 
ATOM 503 C C6     . DG B 1 4  ? -2.128  -2.120  0.907   1.00 0.00 ? 16 DG B C6     1 
ATOM 504 O O6     . DG B 1 4  ? -1.454  -1.857  -0.086  1.00 0.00 ? 16 DG B O6     1 
ATOM 505 N N1     . DG B 1 4  ? -2.230  -1.202  1.939   1.00 0.00 ? 16 DG B N1     1 
ATOM 506 C C2     . DG B 1 4  ? -2.956  -1.384  3.098   1.00 0.00 ? 16 DG B C2     1 
ATOM 507 N N2     . DG B 1 4  ? -2.936  -0.363  3.957   1.00 0.00 ? 16 DG B N2     1 
ATOM 508 N N3     . DG B 1 4  ? -3.660  -2.493  3.369   1.00 0.00 ? 16 DG B N3     1 
ATOM 509 C C4     . DG B 1 4  ? -3.575  -3.408  2.369   1.00 0.00 ? 16 DG B C4     1 
ATOM 510 H "H5'"  . DG B 1 4  ? -6.577  -8.551  2.030   1.00 0.00 ? 16 DG B "H5'"  1 
ATOM 511 H "H5''" . DG B 1 4  ? -8.054  -8.462  3.009   1.00 0.00 ? 16 DG B "H5''" 1 
ATOM 512 H "H4'"  . DG B 1 4  ? -6.466  -7.588  4.465   1.00 0.00 ? 16 DG B "H4'"  1 
ATOM 513 H "H3'"  . DG B 1 4  ? -8.152  -5.637  3.131   1.00 0.00 ? 16 DG B "H3'"  1 
ATOM 514 H "H2'"  . DG B 1 4  ? -6.591  -4.076  2.661   1.00 0.00 ? 16 DG B "H2'"  1 
ATOM 515 H "H2''" . DG B 1 4  ? -6.306  -3.939  4.420   1.00 0.00 ? 16 DG B "H2''" 1 
ATOM 516 H "H1'"  . DG B 1 4  ? -4.433  -5.226  4.343   1.00 0.00 ? 16 DG B "H1'"  1 
ATOM 517 H H8     . DG B 1 4  ? -4.126  -6.150  0.828   1.00 0.00 ? 16 DG B H8     1 
ATOM 518 H H1     . DG B 1 4  ? -1.724  -0.336  1.814   1.00 0.00 ? 16 DG B H1     1 
ATOM 519 H H21    . DG B 1 4  ? -2.400  0.466   3.743   1.00 0.00 ? 16 DG B H21    1 
ATOM 520 H H22    . DG B 1 4  ? -3.458  -0.414  4.817   1.00 0.00 ? 16 DG B H22    1 
ATOM 521 P P      . DG B 1 5  ? -9.080  -4.910  5.593   1.00 0.00 ? 17 DG B P      1 
ATOM 522 O OP1    . DG B 1 5  ? -9.983  -5.822  6.331   1.00 0.00 ? 17 DG B OP1    1 
ATOM 523 O OP2    . DG B 1 5  ? -9.576  -4.184  4.403   1.00 0.00 ? 17 DG B OP2    1 
ATOM 524 O "O5'"  . DG B 1 5  ? -8.491  -3.833  6.632   1.00 0.00 ? 17 DG B "O5'"  1 
ATOM 525 C "C5'"  . DG B 1 5  ? -7.263  -4.093  7.316   1.00 0.00 ? 17 DG B "C5'"  1 
ATOM 526 C "C4'"  . DG B 1 5  ? -6.633  -2.810  7.842   1.00 0.00 ? 17 DG B "C4'"  1 
ATOM 527 O "O4'"  . DG B 1 5  ? -5.743  -2.235  6.843   1.00 0.00 ? 17 DG B "O4'"  1 
ATOM 528 C "C3'"  . DG B 1 5  ? -7.706  -1.776  8.167   1.00 0.00 ? 17 DG B "C3'"  1 
ATOM 529 O "O3'"  . DG B 1 5  ? -7.502  -1.316  9.507   1.00 0.00 ? 17 DG B "O3'"  1 
ATOM 530 C "C2'"  . DG B 1 5  ? -7.511  -0.670  7.180   1.00 0.00 ? 17 DG B "C2'"  1 
ATOM 531 C "C1'"  . DG B 1 5  ? -6.102  -0.844  6.677   1.00 0.00 ? 17 DG B "C1'"  1 
ATOM 532 N N9     . DG B 1 5  ? -5.974  -0.436  5.268   1.00 0.00 ? 17 DG B N9     1 
ATOM 533 C C8     . DG B 1 5  ? -6.490  -1.002  4.151   1.00 0.00 ? 17 DG B C8     1 
ATOM 534 N N7     . DG B 1 5  ? -6.174  -0.476  3.014   1.00 0.00 ? 17 DG B N7     1 
ATOM 535 C C5     . DG B 1 5  ? -5.342  0.578   3.410   1.00 0.00 ? 17 DG B C5     1 
ATOM 536 C C6     . DG B 1 5  ? -4.659  1.547   2.625   1.00 0.00 ? 17 DG B C6     1 
ATOM 537 O O6     . DG B 1 5  ? -4.654  1.671   1.402   1.00 0.00 ? 17 DG B O6     1 
ATOM 538 N N1     . DG B 1 5  ? -3.930  2.424   3.418   1.00 0.00 ? 17 DG B N1     1 
ATOM 539 C C2     . DG B 1 5  ? -3.866  2.386   4.795   1.00 0.00 ? 17 DG B C2     1 
ATOM 540 N N2     . DG B 1 5  ? -3.133  3.336   5.376   1.00 0.00 ? 17 DG B N2     1 
ATOM 541 N N3     . DG B 1 5  ? -4.504  1.479   5.541   1.00 0.00 ? 17 DG B N3     1 
ATOM 542 C C4     . DG B 1 5  ? -5.219  0.610   4.790   1.00 0.00 ? 17 DG B C4     1 
ATOM 543 H "H5'"  . DG B 1 5  ? -6.568  -4.573  6.626   1.00 0.00 ? 17 DG B "H5'"  1 
ATOM 544 H "H5''" . DG B 1 5  ? -7.456  -4.764  8.151   1.00 0.00 ? 17 DG B "H5''" 1 
ATOM 545 H "H4'"  . DG B 1 5  ? -6.062  -3.034  8.743   1.00 0.00 ? 17 DG B "H4'"  1 
ATOM 546 H "H3'"  . DG B 1 5  ? -8.699  -2.212  8.058   1.00 0.00 ? 17 DG B "H3'"  1 
ATOM 547 H "H2'"  . DG B 1 5  ? -8.219  -0.769  6.358   1.00 0.00 ? 17 DG B "H2'"  1 
ATOM 548 H "H2''" . DG B 1 5  ? -7.627  0.298   7.663   1.00 0.00 ? 17 DG B "H2''" 1 
ATOM 549 H "H1'"  . DG B 1 5  ? -5.438  -0.235  7.283   1.00 0.00 ? 17 DG B "H1'"  1 
ATOM 550 H H8     . DG B 1 5  ? -7.145  -1.872  4.210   1.00 0.00 ? 17 DG B H8     1 
ATOM 551 H H1     . DG B 1 5  ? -3.395  3.127   2.929   1.00 0.00 ? 17 DG B H1     1 
ATOM 552 H H21    . DG B 1 5  ? -2.651  4.020   4.810   1.00 0.00 ? 17 DG B H21    1 
ATOM 553 H H22    . DG B 1 5  ? -3.060  3.373   6.383   1.00 0.00 ? 17 DG B H22    1 
ATOM 554 P P      . DA B 1 6  ? -8.633  -0.480  10.284  1.00 0.00 ? 18 DA B P      1 
ATOM 555 O OP1    . DA B 1 6  ? -9.279  -1.374  11.270  1.00 0.00 ? 18 DA B OP1    1 
ATOM 556 O OP2    . DA B 1 6  ? -9.456  0.232   9.281   1.00 0.00 ? 18 DA B OP2    1 
ATOM 557 O "O5'"  . DA B 1 6  ? -7.758  0.609   11.087  1.00 0.00 ? 18 DA B "O5'"  1 
ATOM 558 C "C5'"  . DA B 1 6  ? -6.648  1.256   10.455  1.00 0.00 ? 18 DA B "C5'"  1 
ATOM 559 C "C4'"  . DA B 1 6  ? -5.336  0.964   11.176  1.00 0.00 ? 18 DA B "C4'"  1 
ATOM 560 O "O4'"  . DA B 1 6  ? -4.855  -0.378  10.870  1.00 0.00 ? 18 DA B "O4'"  1 
ATOM 561 C "C3'"  . DA B 1 6  ? -4.260  1.940   10.739  1.00 0.00 ? 18 DA B "C3'"  1 
ATOM 562 O "O3'"  . DA B 1 6  ? -4.163  3.015   11.669  1.00 0.00 ? 18 DA B "O3'"  1 
ATOM 563 C "C2'"  . DA B 1 6  ? -3.000  1.144   10.684  1.00 0.00 ? 18 DA B "C2'"  1 
ATOM 564 C "C1'"  . DA B 1 6  ? -3.439  -0.296  10.542  1.00 0.00 ? 18 DA B "C1'"  1 
ATOM 565 N N9     . DA B 1 6  ? -3.196  -0.784  9.165   1.00 0.00 ? 18 DA B N9     1 
ATOM 566 C C8     . DA B 1 6  ? -3.102  -0.096  7.995   1.00 0.00 ? 18 DA B C8     1 
ATOM 567 N N7     . DA B 1 6  ? -2.886  -0.776  6.920   1.00 0.00 ? 18 DA B N7     1 
ATOM 568 C C5     . DA B 1 6  ? -2.829  -2.080  7.418   1.00 0.00 ? 18 DA B C5     1 
ATOM 569 C C6     . DA B 1 6  ? -2.626  -3.319  6.801   1.00 0.00 ? 18 DA B C6     1 
ATOM 570 N N6     . DA B 1 6  ? -2.437  -3.458  5.489   1.00 0.00 ? 18 DA B N6     1 
ATOM 571 N N1     . DA B 1 6  ? -2.630  -4.409  7.588   1.00 0.00 ? 18 DA B N1     1 
ATOM 572 C C2     . DA B 1 6  ? -2.822  -4.291  8.902   1.00 0.00 ? 18 DA B C2     1 
ATOM 573 N N3     . DA B 1 6  ? -3.024  -3.170  9.588   1.00 0.00 ? 18 DA B N3     1 
ATOM 574 C C4     . DA B 1 6  ? -3.016  -2.094  8.781   1.00 0.00 ? 18 DA B C4     1 
ATOM 575 H "H5'"  . DA B 1 6  ? -6.819  2.333   10.452  1.00 0.00 ? 18 DA B "H5'"  1 
ATOM 576 H "H5''" . DA B 1 6  ? -6.569  0.907   9.429   1.00 0.00 ? 18 DA B "H5''" 1 
ATOM 577 H "H4'"  . DA B 1 6  ? -5.486  1.052   12.250  1.00 0.00 ? 18 DA B "H4'"  1 
ATOM 578 H "H3'"  . DA B 1 6  ? -4.495  2.325   9.745   1.00 0.00 ? 18 DA B "H3'"  1 
ATOM 579 H "H2'"  . DA B 1 6  ? -2.392  1.447   9.834   1.00 0.00 ? 18 DA B "H2'"  1 
ATOM 580 H "H2''" . DA B 1 6  ? -2.437  1.271   11.609  1.00 0.00 ? 18 DA B "H2''" 1 
ATOM 581 H "H1'"  . DA B 1 6  ? -2.873  -0.910  11.240  1.00 0.00 ? 18 DA B "H1'"  1 
ATOM 582 H H8     . DA B 1 6  ? -3.232  0.984   7.956   1.00 0.00 ? 18 DA B H8     1 
ATOM 583 H H61    . DA B 1 6  ? -2.295  -4.376  5.094   1.00 0.00 ? 18 DA B H61    1 
ATOM 584 H H62    . DA B 1 6  ? -2.435  -2.645  4.890   1.00 0.00 ? 18 DA B H62    1 
ATOM 585 H H2     . DA B 1 6  ? -2.817  -5.214  9.477   1.00 0.00 ? 18 DA B H2     1 
ATOM 586 P P      . DG B 1 7  ? -3.396  4.357   11.235  1.00 0.00 ? 19 DG B P      1 
ATOM 587 O OP1    . DG B 1 7  ? -2.616  4.843   12.394  1.00 0.00 ? 19 DG B OP1    1 
ATOM 588 O OP2    . DG B 1 7  ? -4.368  5.253   10.568  1.00 0.00 ? 19 DG B OP2    1 
ATOM 589 O "O5'"  . DG B 1 7  ? -2.366  3.810   10.122  1.00 0.00 ? 19 DG B "O5'"  1 
ATOM 590 C "C5'"  . DG B 1 7  ? -0.964  3.828   10.381  1.00 0.00 ? 19 DG B "C5'"  1 
ATOM 591 C "C4'"  . DG B 1 7  ? -0.181  4.412   9.213   1.00 0.00 ? 19 DG B "C4'"  1 
ATOM 592 O "O4'"  . DG B 1 7  ? 0.092   3.402   8.208   1.00 0.00 ? 19 DG B "O4'"  1 
ATOM 593 C "C3'"  . DG B 1 7  ? -0.955  5.548   8.549   1.00 0.00 ? 19 DG B "C3'"  1 
ATOM 594 O "O3'"  . DG B 1 7  ? -0.277  6.787   8.778   1.00 0.00 ? 19 DG B "O3'"  1 
ATOM 595 C "C2'"  . DG B 1 7  ? -0.991  5.205   7.088   1.00 0.00 ? 19 DG B "C2'"  1 
ATOM 596 C "C1'"  . DG B 1 7  ? -0.043  4.042   6.925   1.00 0.00 ? 19 DG B "C1'"  1 
ATOM 597 N N9     . DG B 1 7  ? -0.534  3.108   5.911   1.00 0.00 ? 19 DG B N9     1 
ATOM 598 C C8     . DG B 1 7  ? -1.113  1.897   6.060   1.00 0.00 ? 19 DG B C8     1 
ATOM 599 N N7     . DG B 1 7  ? -1.455  1.265   4.983   1.00 0.00 ? 19 DG B N7     1 
ATOM 600 C C5     . DG B 1 7  ? -1.057  2.168   3.985   1.00 0.00 ? 19 DG B C5     1 
ATOM 601 C C6     . DG B 1 7  ? -1.153  2.075   2.569   1.00 0.00 ? 19 DG B C6     1 
ATOM 602 O O6     . DG B 1 7  ? -1.623  1.160   1.896   1.00 0.00 ? 19 DG B O6     1 
ATOM 603 N N1     . DG B 1 7  ? -0.630  3.206   1.947   1.00 0.00 ? 19 DG B N1     1 
ATOM 604 C C2     . DG B 1 7  ? -0.084  4.289   2.598   1.00 0.00 ? 19 DG B C2     1 
ATOM 605 N N2     . DG B 1 7  ? 0.366   5.277   1.825   1.00 0.00 ? 19 DG B N2     1 
ATOM 606 N N3     . DG B 1 7  ? 0.010   4.385   3.925   1.00 0.00 ? 19 DG B N3     1 
ATOM 607 C C4     . DG B 1 7  ? -0.492  3.297   4.553   1.00 0.00 ? 19 DG B C4     1 
ATOM 608 H "H5'"  . DG B 1 7  ? -0.625  2.804   10.551  1.00 0.00 ? 19 DG B "H5'"  1 
ATOM 609 H "H5''" . DG B 1 7  ? -0.772  4.419   11.271  1.00 0.00 ? 19 DG B "H5''" 1 
ATOM 610 H "H4'"  . DG B 1 7  ? 0.767   4.802   9.584   1.00 0.00 ? 19 DG B "H4'"  1 
ATOM 611 H "H3'"  . DG B 1 7  ? -1.971  5.591   8.947   1.00 0.00 ? 19 DG B "H3'"  1 
ATOM 612 H "H2'"  . DG B 1 7  ? -1.998  4.908   6.799   1.00 0.00 ? 19 DG B "H2'"  1 
ATOM 613 H "H2''" . DG B 1 7  ? -0.663  6.047   6.482   1.00 0.00 ? 19 DG B "H2''" 1 
ATOM 614 H "H1'"  . DG B 1 7  ? 0.930   4.416   6.617   1.00 0.00 ? 19 DG B "H1'"  1 
ATOM 615 H H8     . DG B 1 7  ? -1.285  1.475   7.054   1.00 0.00 ? 19 DG B H8     1 
ATOM 616 H H1     . DG B 1 7  ? -0.661  3.216   0.937   1.00 0.00 ? 19 DG B H1     1 
ATOM 617 H H21    . DG B 1 7  ? 0.295   5.204   0.820   1.00 0.00 ? 19 DG B H21    1 
ATOM 618 H H22    . DG B 1 7  ? 0.778   6.100   2.244   1.00 0.00 ? 19 DG B H22    1 
ATOM 619 P P      . DG B 1 8  ? -1.071  8.185   8.682   1.00 0.00 ? 20 DG B P      1 
ATOM 620 O OP1    . DG B 1 8  ? -0.362  9.178   9.521   1.00 0.00 ? 20 DG B OP1    1 
ATOM 621 O OP2    . DG B 1 8  ? -2.509  7.918   8.910   1.00 0.00 ? 20 DG B OP2    1 
ATOM 622 O "O5'"  . DG B 1 8  ? -0.873  8.599   7.138   1.00 0.00 ? 20 DG B "O5'"  1 
ATOM 623 C "C5'"  . DG B 1 8  ? 0.021   9.657   6.781   1.00 0.00 ? 20 DG B "C5'"  1 
ATOM 624 C "C4'"  . DG B 1 8  ? 0.113   9.835   5.267   1.00 0.00 ? 20 DG B "C4'"  1 
ATOM 625 O "O4'"  . DG B 1 8  ? 0.003   8.552   4.584   1.00 0.00 ? 20 DG B "O4'"  1 
ATOM 626 C "C3'"  . DG B 1 8  ? -1.010  10.735  4.746   1.00 0.00 ? 20 DG B "C3'"  1 
ATOM 627 O "O3'"  . DG B 1 8  ? -0.439  11.844  4.048   1.00 0.00 ? 20 DG B "O3'"  1 
ATOM 628 C "C2'"  . DG B 1 8  ? -1.784  9.886   3.790   1.00 0.00 ? 20 DG B "C2'"  1 
ATOM 629 C "C1'"  . DG B 1 8  ? -0.848  8.764   3.439   1.00 0.00 ? 20 DG B "C1'"  1 
ATOM 630 N N9     . DG B 1 8  ? -1.588  7.549   3.058   1.00 0.00 ? 20 DG B N9     1 
ATOM 631 C C8     . DG B 1 8  ? -2.151  6.592   3.831   1.00 0.00 ? 20 DG B C8     1 
ATOM 632 N N7     . DG B 1 8  ? -2.743  5.611   3.232   1.00 0.00 ? 20 DG B N7     1 
ATOM 633 C C5     . DG B 1 8  ? -2.559  5.947   1.884   1.00 0.00 ? 20 DG B C5     1 
ATOM 634 C C6     . DG B 1 8  ? -2.980  5.268   0.704   1.00 0.00 ? 20 DG B C6     1 
ATOM 635 O O6     . DG B 1 8  ? -3.607  4.216   0.613   1.00 0.00 ? 20 DG B O6     1 
ATOM 636 N N1     . DG B 1 8  ? -2.588  5.952   -0.443  1.00 0.00 ? 20 DG B N1     1 
ATOM 637 C C2     . DG B 1 8  ? -1.886  7.137   -0.457  1.00 0.00 ? 20 DG B C2     1 
ATOM 638 N N2     . DG B 1 8  ? -1.622  7.650   -1.656  1.00 0.00 ? 20 DG B N2     1 
ATOM 639 N N3     . DG B 1 8  ? -1.487  7.778   0.644   1.00 0.00 ? 20 DG B N3     1 
ATOM 640 C C4     . DG B 1 8  ? -1.854  7.133   1.774   1.00 0.00 ? 20 DG B C4     1 
ATOM 641 H "H5'"  . DG B 1 8  ? 1.013   9.428   7.171   1.00 0.00 ? 20 DG B "H5'"  1 
ATOM 642 H "H5''" . DG B 1 8  ? -0.330  10.587  7.230   1.00 0.00 ? 20 DG B "H5''" 1 
ATOM 643 H "H4'"  . DG B 1 8  ? 1.074   10.286  5.018   1.00 0.00 ? 20 DG B "H4'"  1 
ATOM 644 H "H3'"  . DG B 1 8  ? -1.647  11.074  5.563   1.00 0.00 ? 20 DG B "H3'"  1 
ATOM 645 H "H2'"  . DG B 1 8  ? -2.679  9.491   4.271   1.00 0.00 ? 20 DG B "H2'"  1 
ATOM 646 H "H2''" . DG B 1 8  ? -2.045  10.457  2.899   1.00 0.00 ? 20 DG B "H2''" 1 
ATOM 647 H "H1'"  . DG B 1 8  ? -0.225  9.077   2.603   1.00 0.00 ? 20 DG B "H1'"  1 
ATOM 648 H H8     . DG B 1 8  ? -2.118  6.656   4.918   1.00 0.00 ? 20 DG B H8     1 
ATOM 649 H H1     . DG B 1 8  ? -2.844  5.529   -1.327  1.00 0.00 ? 20 DG B H1     1 
ATOM 650 H H21    . DG B 1 8  ? -1.923  7.165   -2.490  1.00 0.00 ? 20 DG B H21    1 
ATOM 651 H H22    . DG B 1 8  ? -1.122  8.523   -1.732  1.00 0.00 ? 20 DG B H22    1 
ATOM 652 P P      . DA B 1 9  ? 0.289   13.051  4.818   1.00 0.00 ? 21 DA B P      1 
ATOM 653 O OP1    . DA B 1 9  ? 1.115   12.482  5.906   1.00 0.00 ? 21 DA B OP1    1 
ATOM 654 O OP2    . DA B 1 9  ? -0.719  14.092  5.116   1.00 0.00 ? 21 DA B OP2    1 
ATOM 655 O "O5'"  . DA B 1 9  ? 1.274   13.610  3.671   1.00 0.00 ? 21 DA B "O5'"  1 
ATOM 656 C "C5'"  . DA B 1 9  ? 1.067   13.225  2.305   1.00 0.00 ? 21 DA B "C5'"  1 
ATOM 657 C "C4'"  . DA B 1 9  ? 2.380   12.900  1.596   1.00 0.00 ? 21 DA B "C4'"  1 
ATOM 658 O "O4'"  . DA B 1 9  ? 3.225   12.045  2.423   1.00 0.00 ? 21 DA B "O4'"  1 
ATOM 659 C "C3'"  . DA B 1 9  ? 2.123   12.160  0.291   1.00 0.00 ? 21 DA B "C3'"  1 
ATOM 660 O "O3'"  . DA B 1 9  ? 2.148   13.071  -0.809  1.00 0.00 ? 21 DA B "O3'"  1 
ATOM 661 C "C2'"  . DA B 1 9  ? 3.214   11.157  0.198   1.00 0.00 ? 21 DA B "C2'"  1 
ATOM 662 C "C1'"  . DA B 1 9  ? 3.609   10.885  1.633   1.00 0.00 ? 21 DA B "C1'"  1 
ATOM 663 N N9     . DA B 1 9  ? 2.945   9.671   2.182   1.00 0.00 ? 21 DA B N9     1 
ATOM 664 C C8     . DA B 1 9  ? 2.030   8.819   1.631   1.00 0.00 ? 21 DA B C8     1 
ATOM 665 N N7     . DA B 1 9  ? 1.582   7.864   2.371   1.00 0.00 ? 21 DA B N7     1 
ATOM 666 C C5     . DA B 1 9  ? 2.266   8.085   3.564   1.00 0.00 ? 21 DA B C5     1 
ATOM 667 C C6     . DA B 1 9  ? 2.254   7.423   4.793   1.00 0.00 ? 21 DA B C6     1 
ATOM 668 N N6     . DA B 1 9  ? 1.487   6.364   5.041   1.00 0.00 ? 21 DA B N6     1 
ATOM 669 N N1     . DA B 1 9  ? 3.048   7.899   5.763   1.00 0.00 ? 21 DA B N1     1 
ATOM 670 C C2     . DA B 1 9  ? 3.811   8.968   5.541   1.00 0.00 ? 21 DA B C2     1 
ATOM 671 N N3     . DA B 1 9  ? 3.901   9.675   4.418   1.00 0.00 ? 21 DA B N3     1 
ATOM 672 C C4     . DA B 1 9  ? 3.097   9.177   3.461   1.00 0.00 ? 21 DA B C4     1 
ATOM 673 H "H5'"  . DA B 1 9  ? 0.571   14.040  1.779   1.00 0.00 ? 21 DA B "H5'"  1 
ATOM 674 H "H5''" . DA B 1 9  ? 0.424   12.344  2.281   1.00 0.00 ? 21 DA B "H5''" 1 
ATOM 675 H "H4'"  . DA B 1 9  ? 2.912   13.825  1.385   1.00 0.00 ? 21 DA B "H4'"  1 
ATOM 676 H "H3'"  . DA B 1 9  ? 1.164   11.647  0.336   1.00 0.00 ? 21 DA B "H3'"  1 
ATOM 677 H "H2'"  . DA B 1 9  ? 2.872   10.257  -0.297  1.00 0.00 ? 21 DA B "H2'"  1 
ATOM 678 H "H2''" . DA B 1 9  ? 4.058   11.584  -0.343  1.00 0.00 ? 21 DA B "H2''" 1 
ATOM 679 H "H1'"  . DA B 1 9  ? 4.689   10.755  1.684   1.00 0.00 ? 21 DA B "H1'"  1 
ATOM 680 H H8     . DA B 1 9  ? 1.670   8.941   0.618   1.00 0.00 ? 21 DA B H8     1 
ATOM 681 H H61    . DA B 1 9  ? 1.516   5.925   5.947   1.00 0.00 ? 21 DA B H61    1 
ATOM 682 H H62    . DA B 1 9  ? 0.875   6.003   4.322   1.00 0.00 ? 21 DA B H62    1 
ATOM 683 H H2     . DA B 1 9  ? 4.435   9.294   6.367   1.00 0.00 ? 21 DA B H2     1 
ATOM 684 P P      . DG B 1 10 ? 1.319   12.730  -2.146  1.00 0.00 ? 22 DG B P      1 
ATOM 685 O OP1    . DG B 1 10 ? 1.885   13.526  -3.259  1.00 0.00 ? 22 DG B OP1    1 
ATOM 686 O OP2    . DG B 1 10 ? -0.123  12.823  -1.831  1.00 0.00 ? 22 DG B OP2    1 
ATOM 687 O "O5'"  . DG B 1 10 ? 1.683   11.179  -2.399  1.00 0.00 ? 22 DG B "O5'"  1 
ATOM 688 C "C5'"  . DG B 1 10 ? 2.700   10.828  -3.340  1.00 0.00 ? 22 DG B "C5'"  1 
ATOM 689 C "C4'"  . DG B 1 10 ? 2.271   9.673   -4.244  1.00 0.00 ? 22 DG B "C4'"  1 
ATOM 690 O "O4'"  . DG B 1 10 ? 2.477   8.389   -3.593  1.00 0.00 ? 22 DG B "O4'"  1 
ATOM 691 C "C3'"  . DG B 1 10 ? 0.792   9.782   -4.613  1.00 0.00 ? 22 DG B "C3'"  1 
ATOM 692 O "O3'"  . DG B 1 10 ? 0.672   10.033  -6.018  1.00 0.00 ? 22 DG B "O3'"  1 
ATOM 693 C "C2'"  . DG B 1 10 ? 0.180   8.464   -4.238  1.00 0.00 ? 22 DG B "C2'"  1 
ATOM 694 C "C1'"  . DG B 1 10 ? 1.340   7.555   -3.913  1.00 0.00 ? 22 DG B "C1'"  1 
ATOM 695 N N9     . DG B 1 10 ? 1.015   6.653   -2.796  1.00 0.00 ? 22 DG B N9     1 
ATOM 696 C C8     . DG B 1 10 ? 0.850   6.925   -1.481  1.00 0.00 ? 22 DG B C8     1 
ATOM 697 N N7     . DG B 1 10 ? 0.596   5.936   -0.691  1.00 0.00 ? 22 DG B N7     1 
ATOM 698 C C5     . DG B 1 10 ? 0.585   4.860   -1.583  1.00 0.00 ? 22 DG B C5     1 
ATOM 699 C C6     . DG B 1 10 ? 0.361   3.478   -1.341  1.00 0.00 ? 22 DG B C6     1 
ATOM 700 O O6     . DG B 1 10 ? 0.125   2.919   -0.272  1.00 0.00 ? 22 DG B O6     1 
ATOM 701 N N1     . DG B 1 10 ? 0.436   2.739   -2.515  1.00 0.00 ? 22 DG B N1     1 
ATOM 702 C C2     . DG B 1 10 ? 0.692   3.258   -3.768  1.00 0.00 ? 22 DG B C2     1 
ATOM 703 N N2     . DG B 1 10 ? 0.703   2.389   -4.776  1.00 0.00 ? 22 DG B N2     1 
ATOM 704 N N3     . DG B 1 10 ? 0.906   4.553   -4.002  1.00 0.00 ? 22 DG B N3     1 
ATOM 705 C C4     . DG B 1 10 ? 0.838   5.294   -2.874  1.00 0.00 ? 22 DG B C4     1 
ATOM 706 H "H5'"  . DG B 1 10 ? 3.598   10.534  -2.792  1.00 0.00 ? 22 DG B "H5'"  1 
ATOM 707 H "H5''" . DG B 1 10 ? 2.928   11.697  -3.954  1.00 0.00 ? 22 DG B "H5''" 1 
ATOM 708 H "H4'"  . DG B 1 10 ? 2.864   9.702   -5.158  1.00 0.00 ? 22 DG B "H4'"  1 
ATOM 709 H "H3'"  . DG B 1 10 ? 0.324   10.585  -4.042  1.00 0.00 ? 22 DG B "H3'"  1 
ATOM 710 H "H2'"  . DG B 1 10 ? -0.454  8.588   -3.363  1.00 0.00 ? 22 DG B "H2'"  1 
ATOM 711 H "H2''" . DG B 1 10 ? -0.400  8.055   -5.064  1.00 0.00 ? 22 DG B "H2''" 1 
ATOM 712 H "H1'"  . DG B 1 10 ? 1.579   6.954   -4.792  1.00 0.00 ? 22 DG B "H1'"  1 
ATOM 713 H H8     . DG B 1 10 ? 0.923   7.941   -1.107  1.00 0.00 ? 22 DG B H8     1 
ATOM 714 H H1     . DG B 1 10 ? 0.288   1.744   -2.421  1.00 0.00 ? 22 DG B H1     1 
ATOM 715 H H21    . DG B 1 10 ? 0.541   1.407   -4.599  1.00 0.00 ? 22 DG B H21    1 
ATOM 716 H H22    . DG B 1 10 ? 0.871   2.711   -5.718  1.00 0.00 ? 22 DG B H22    1 
ATOM 717 P P      . DG B 1 11 ? -0.536  10.931  -6.588  1.00 0.00 ? 23 DG B P      1 
ATOM 718 O OP1    . DG B 1 11 ? -0.060  11.628  -7.805  1.00 0.00 ? 23 DG B OP1    1 
ATOM 719 O OP2    . DG B 1 11 ? -1.104  11.711  -5.466  1.00 0.00 ? 23 DG B OP2    1 
ATOM 720 O "O5'"  . DG B 1 11 ? -1.617  9.825   -7.032  1.00 0.00 ? 23 DG B "O5'"  1 
ATOM 721 C "C5'"  . DG B 1 11 ? -1.289  8.845   -8.019  1.00 0.00 ? 23 DG B "C5'"  1 
ATOM 722 C "C4'"  . DG B 1 11 ? -2.445  7.877   -8.258  1.00 0.00 ? 23 DG B "C4'"  1 
ATOM 723 O "O4'"  . DG B 1 11 ? -2.297  6.688   -7.432  1.00 0.00 ? 23 DG B "O4'"  1 
ATOM 724 C "C3'"  . DG B 1 11 ? -3.780  8.530   -7.912  1.00 0.00 ? 23 DG B "C3'"  1 
ATOM 725 O "O3'"  . DG B 1 11 ? -4.574  8.637   -9.099  1.00 0.00 ? 23 DG B "O3'"  1 
ATOM 726 C "C2'"  . DG B 1 11 ? -4.429  7.633   -6.904  1.00 0.00 ? 23 DG B "C2'"  1 
ATOM 727 C "C1'"  . DG B 1 11 ? -3.595  6.375   -6.875  1.00 0.00 ? 23 DG B "C1'"  1 
ATOM 728 N N9     . DG B 1 11 ? -3.463  5.861   -5.501  1.00 0.00 ? 23 DG B N9     1 
ATOM 729 C C8     . DG B 1 11 ? -3.138  6.513   -4.357  1.00 0.00 ? 23 DG B C8     1 
ATOM 730 N N7     . DG B 1 11 ? -3.100  5.821   -3.266  1.00 0.00 ? 23 DG B N7     1 
ATOM 731 C C5     . DG B 1 11 ? -3.439  4.544   -3.726  1.00 0.00 ? 23 DG B C5     1 
ATOM 732 C C6     . DG B 1 11 ? -3.573  3.323   -3.010  1.00 0.00 ? 23 DG B C6     1 
ATOM 733 O O6     . DG B 1 11 ? -3.415  3.123   -1.808  1.00 0.00 ? 23 DG B O6     1 
ATOM 734 N N1     . DG B 1 11 ? -3.928  2.276   -3.852  1.00 0.00 ? 23 DG B N1     1 
ATOM 735 C C2     . DG B 1 11 ? -4.128  2.384   -5.215  1.00 0.00 ? 23 DG B C2     1 
ATOM 736 N N2     . DG B 1 11 ? -4.452  1.262   -5.857  1.00 0.00 ? 23 DG B N2     1 
ATOM 737 N N3     . DG B 1 11 ? -4.006  3.528   -5.893  1.00 0.00 ? 23 DG B N3     1 
ATOM 738 C C4     . DG B 1 11 ? -3.662  4.562   -5.094  1.00 0.00 ? 23 DG B C4     1 
ATOM 739 H "H5'"  . DG B 1 11 ? -0.418  8.281   -7.685  1.00 0.00 ? 23 DG B "H5'"  1 
ATOM 740 H "H5''" . DG B 1 11 ? -1.050  9.349   -8.956  1.00 0.00 ? 23 DG B "H5''" 1 
ATOM 741 H "H4'"  . DG B 1 11 ? -2.453  7.581   -9.306  1.00 0.00 ? 23 DG B "H4'"  1 
ATOM 742 H "H3'"  . DG B 1 11 ? -3.613  9.518   -7.479  1.00 0.00 ? 23 DG B "H3'"  1 
ATOM 743 H "H2'"  . DG B 1 11 ? -4.426  8.108   -5.922  1.00 0.00 ? 23 DG B "H2'"  1 
ATOM 744 H "H2''" . DG B 1 11 ? -5.450  7.402   -7.207  1.00 0.00 ? 23 DG B "H2''" 1 
ATOM 745 H "H1'"  . DG B 1 11 ? -4.074  5.616   -7.493  1.00 0.00 ? 23 DG B "H1'"  1 
ATOM 746 H H8     . DG B 1 11 ? -2.912  7.580   -4.357  1.00 0.00 ? 23 DG B H8     1 
ATOM 747 H H1     . DG B 1 11 ? -4.051  1.376   -3.410  1.00 0.00 ? 23 DG B H1     1 
ATOM 748 H H21    . DG B 1 11 ? -4.545  0.397   -5.345  1.00 0.00 ? 23 DG B H21    1 
ATOM 749 H H22    . DG B 1 11 ? -4.603  1.278   -6.855  1.00 0.00 ? 23 DG B H22    1 
ATOM 750 P P      . DA B 1 12 ? -5.853  9.615   -9.147  1.00 0.00 ? 24 DA B P      1 
ATOM 751 O OP1    . DA B 1 12 ? -6.002  10.111  -10.533 1.00 0.00 ? 24 DA B OP1    1 
ATOM 752 O OP2    . DA B 1 12 ? -5.743  10.577  -8.027  1.00 0.00 ? 24 DA B OP2    1 
ATOM 753 O "O5'"  . DA B 1 12 ? -7.076  8.615   -8.836  1.00 0.00 ? 24 DA B "O5'"  1 
ATOM 754 C "C5'"  . DA B 1 12 ? -7.267  7.429   -9.615  1.00 0.00 ? 24 DA B "C5'"  1 
ATOM 755 C "C4'"  . DA B 1 12 ? -8.007  6.353   -8.826  1.00 0.00 ? 24 DA B "C4'"  1 
ATOM 756 O "O4'"  . DA B 1 12 ? -7.187  5.862   -7.734  1.00 0.00 ? 24 DA B "O4'"  1 
ATOM 757 C "C3'"  . DA B 1 12 ? -9.290  6.913   -8.226  1.00 0.00 ? 24 DA B "C3'"  1 
ATOM 758 O "O3'"  . DA B 1 12 ? -10.436 6.460   -8.952  1.00 0.00 ? 24 DA B "O3'"  1 
ATOM 759 C "C2'"  . DA B 1 12 ? -9.324  6.426   -6.808  1.00 0.00 ? 24 DA B "C2'"  1 
ATOM 760 C "C1'"  . DA B 1 12 ? -8.056  5.625   -6.603  1.00 0.00 ? 24 DA B "C1'"  1 
ATOM 761 N N9     . DA B 1 12 ? -7.392  6.021   -5.348  1.00 0.00 ? 24 DA B N9     1 
ATOM 762 C C8     . DA B 1 12 ? -6.997  7.248   -4.930  1.00 0.00 ? 24 DA B C8     1 
ATOM 763 N N7     . DA B 1 12 ? -6.432  7.330   -3.774  1.00 0.00 ? 24 DA B N7     1 
ATOM 764 C C5     . DA B 1 12 ? -6.446  5.995   -3.358  1.00 0.00 ? 24 DA B C5     1 
ATOM 765 C C6     . DA B 1 12 ? -5.993  5.361   -2.197  1.00 0.00 ? 24 DA B C6     1 
ATOM 766 N N6     . DA B 1 12 ? -5.411  6.013   -1.192  1.00 0.00 ? 24 DA B N6     1 
ATOM 767 N N1     . DA B 1 12 ? -6.165  4.030   -2.111  1.00 0.00 ? 24 DA B N1     1 
ATOM 768 C C2     . DA B 1 12 ? -6.747  3.359   -3.107  1.00 0.00 ? 24 DA B C2     1 
ATOM 769 N N3     . DA B 1 12 ? -7.212  3.858   -4.249  1.00 0.00 ? 24 DA B N3     1 
ATOM 770 C C4     . DA B 1 12 ? -7.029  5.192   -4.311  1.00 0.00 ? 24 DA B C4     1 
ATOM 771 H "H5'"  . DA B 1 12 ? -6.293  7.042   -9.919  1.00 0.00 ? 24 DA B "H5'"  1 
ATOM 772 H "H5''" . DA B 1 12 ? -7.843  7.678   -10.505 1.00 0.00 ? 24 DA B "H5''" 1 
ATOM 773 H "H4'"  . DA B 1 12 ? -8.251  5.524   -9.488  1.00 0.00 ? 24 DA B "H4'"  1 
ATOM 774 H "H3'"  . DA B 1 12 ? -9.250  8.004   -8.233  1.00 0.00 ? 24 DA B "H3'"  1 
ATOM 775 H "HO3'" . DA B 1 12 ? -11.123 7.122   -8.843  1.00 0.00 ? 24 DA B "HO3'" 1 
ATOM 776 H "H2'"  . DA B 1 12 ? -9.347  7.273   -6.122  1.00 0.00 ? 24 DA B "H2'"  1 
ATOM 777 H "H2''" . DA B 1 12 ? -10.197 5.792   -6.651  1.00 0.00 ? 24 DA B "H2''" 1 
ATOM 778 H "H1'"  . DA B 1 12 ? -8.304  4.566   -6.556  1.00 0.00 ? 24 DA B "H1'"  1 
ATOM 779 H H8     . DA B 1 12 ? -7.151  8.132   -5.549  1.00 0.00 ? 24 DA B H8     1 
ATOM 780 H H61    . DA B 1 12 ? -5.100  5.508   -0.374  1.00 0.00 ? 24 DA B H61    1 
ATOM 781 H H62    . DA B 1 12 ? -5.279  7.014   -1.248  1.00 0.00 ? 24 DA B H62    1 
ATOM 782 H H2     . DA B 1 12 ? -6.854  2.282   -2.971  1.00 0.00 ? 24 DA B H2     1 
# 
